data_2EN3
#
_entry.id   2EN3
#
loop_
_entity.id
_entity.type
_entity.pdbx_description
1 polymer 'Zinc finger protein 95 homolog'
2 non-polymer 'ZINC ION'
#
_entity_poly.entity_id   1
_entity_poly.type   'polypeptide(L)'
_entity_poly.pdbx_seq_one_letter_code
;GSSGSSGTGEKPFQCKECGMNFSWSCSLFKHLRSHERTDPSGPSSG
;
_entity_poly.pdbx_strand_id   A
#
loop_
_chem_comp.id
_chem_comp.type
_chem_comp.name
_chem_comp.formula
ZN non-polymer 'ZINC ION' 'Zn 2'
#
# COMPACT_ATOMS: atom_id res chain seq x y z
N GLY A 1 -19.18 17.48 3.82
CA GLY A 1 -18.28 16.43 3.39
C GLY A 1 -17.46 15.85 4.54
N SER A 2 -16.44 15.08 4.21
CA SER A 2 -15.57 14.47 5.22
C SER A 2 -14.76 15.54 5.95
N SER A 3 -15.33 16.07 7.03
CA SER A 3 -14.66 17.09 7.82
C SER A 3 -14.45 16.62 9.25
N GLY A 4 -13.30 15.99 9.50
CA GLY A 4 -13.00 15.50 10.83
C GLY A 4 -11.73 14.67 10.87
N SER A 5 -10.67 15.25 11.43
CA SER A 5 -9.39 14.55 11.53
C SER A 5 -9.05 14.24 12.98
N SER A 6 -9.27 12.98 13.37
CA SER A 6 -8.99 12.55 14.73
C SER A 6 -7.56 12.03 14.85
N GLY A 7 -6.72 12.76 15.57
CA GLY A 7 -5.33 12.36 15.75
C GLY A 7 -4.48 12.63 14.53
N THR A 8 -3.17 12.55 14.68
CA THR A 8 -2.25 12.79 13.58
C THR A 8 -1.33 11.60 13.36
N GLY A 9 -1.19 11.18 12.10
CA GLY A 9 -0.34 10.06 11.78
C GLY A 9 0.15 10.10 10.35
N GLU A 10 1.33 10.66 10.15
CA GLU A 10 1.91 10.77 8.81
C GLU A 10 2.89 9.62 8.56
N LYS A 11 3.28 9.46 7.30
CA LYS A 11 4.21 8.40 6.92
C LYS A 11 5.16 8.88 5.82
N PRO A 12 6.44 8.53 5.95
CA PRO A 12 7.47 8.92 4.98
C PRO A 12 7.31 8.19 3.65
N PHE A 13 7.19 6.86 3.72
CA PHE A 13 7.04 6.05 2.52
C PHE A 13 5.56 5.75 2.25
N GLN A 14 5.22 5.56 0.98
CA GLN A 14 3.85 5.28 0.59
C GLN A 14 3.81 4.42 -0.67
N CYS A 15 2.72 3.68 -0.83
CA CYS A 15 2.55 2.82 -2.00
C CYS A 15 2.00 3.59 -3.19
N LYS A 16 2.56 3.34 -4.37
CA LYS A 16 2.12 4.02 -5.58
C LYS A 16 1.11 3.16 -6.34
N GLU A 17 0.70 2.06 -5.73
CA GLU A 17 -0.27 1.16 -6.36
C GLU A 17 -1.66 1.34 -5.74
N CYS A 18 -1.72 1.29 -4.42
CA CYS A 18 -2.98 1.44 -3.71
C CYS A 18 -2.91 2.62 -2.73
N GLY A 19 -1.70 2.99 -2.35
CA GLY A 19 -1.53 4.10 -1.43
C GLY A 19 -1.12 3.65 -0.04
N MET A 20 -0.92 2.34 0.12
CA MET A 20 -0.53 1.78 1.40
C MET A 20 0.75 2.43 1.91
N ASN A 21 0.73 2.84 3.17
CA ASN A 21 1.90 3.48 3.78
C ASN A 21 2.71 2.49 4.61
N PHE A 22 3.99 2.75 4.76
CA PHE A 22 4.86 1.88 5.53
C PHE A 22 5.96 2.68 6.24
N SER A 23 6.08 2.49 7.55
CA SER A 23 7.08 3.20 8.34
C SER A 23 8.47 3.02 7.75
N TRP A 24 8.87 1.76 7.59
CA TRP A 24 10.19 1.45 7.04
C TRP A 24 10.22 1.68 5.53
N SER A 25 11.37 1.49 4.93
CA SER A 25 11.54 1.68 3.49
C SER A 25 11.35 0.37 2.74
N CYS A 26 12.17 -0.63 3.06
CA CYS A 26 12.09 -1.92 2.42
C CYS A 26 10.70 -2.52 2.57
N SER A 27 10.17 -2.50 3.79
CA SER A 27 8.85 -3.04 4.07
C SER A 27 7.91 -2.81 2.89
N LEU A 28 7.72 -1.55 2.52
CA LEU A 28 6.85 -1.19 1.40
C LEU A 28 7.06 -2.14 0.22
N PHE A 29 8.32 -2.33 -0.17
CA PHE A 29 8.65 -3.21 -1.28
C PHE A 29 7.98 -4.57 -1.10
N LYS A 30 8.09 -5.14 0.09
CA LYS A 30 7.50 -6.43 0.39
C LYS A 30 6.01 -6.45 0.04
N HIS A 31 5.39 -5.27 0.08
CA HIS A 31 3.97 -5.14 -0.23
C HIS A 31 3.77 -4.81 -1.71
N LEU A 32 4.65 -3.98 -2.25
CA LEU A 32 4.56 -3.59 -3.65
C LEU A 32 4.42 -4.81 -4.56
N ARG A 33 5.16 -5.87 -4.23
CA ARG A 33 5.13 -7.10 -5.00
C ARG A 33 3.69 -7.55 -5.24
N SER A 34 2.83 -7.34 -4.23
CA SER A 34 1.44 -7.74 -4.32
C SER A 34 0.83 -7.27 -5.65
N HIS A 35 1.46 -6.28 -6.27
CA HIS A 35 0.98 -5.75 -7.54
C HIS A 35 1.82 -6.27 -8.69
N GLU A 36 3.08 -6.57 -8.41
CA GLU A 36 3.99 -7.08 -9.43
C GLU A 36 3.60 -8.49 -9.85
N ARG A 37 3.07 -9.27 -8.90
CA ARG A 37 2.66 -10.64 -9.17
C ARG A 37 1.20 -10.68 -9.62
N THR A 38 0.30 -10.26 -8.74
CA THR A 38 -1.12 -10.25 -9.04
C THR A 38 -1.62 -8.84 -9.31
N ASP A 39 -2.54 -8.71 -10.26
CA ASP A 39 -3.10 -7.41 -10.63
C ASP A 39 -4.32 -7.10 -9.78
N PRO A 40 -4.48 -5.81 -9.42
CA PRO A 40 -5.60 -5.35 -8.60
C PRO A 40 -6.93 -5.40 -9.35
N SER A 41 -6.87 -5.76 -10.63
CA SER A 41 -8.06 -5.85 -11.46
C SER A 41 -8.60 -4.46 -11.80
N GLY A 42 -7.69 -3.52 -12.03
CA GLY A 42 -8.08 -2.16 -12.36
C GLY A 42 -7.58 -1.15 -11.34
N PRO A 43 -7.86 0.14 -11.59
CA PRO A 43 -7.45 1.22 -10.70
C PRO A 43 -8.20 1.22 -9.38
N SER A 44 -7.64 0.55 -8.39
CA SER A 44 -8.27 0.46 -7.07
C SER A 44 -8.38 1.84 -6.43
N SER A 45 -7.29 2.61 -6.50
CA SER A 45 -7.26 3.95 -5.92
C SER A 45 -7.31 5.01 -7.01
N GLY A 46 -8.25 5.94 -6.88
CA GLY A 46 -8.39 6.99 -7.86
C GLY A 46 -7.05 7.47 -8.41
ZN ZN B . -0.11 -1.23 -2.67
N GLY A 1 -12.89 12.34 7.28
CA GLY A 1 -12.23 11.41 8.18
C GLY A 1 -13.12 10.97 9.33
N SER A 2 -13.02 9.71 9.70
CA SER A 2 -13.82 9.16 10.78
C SER A 2 -13.06 9.18 12.10
N SER A 3 -13.79 9.29 13.20
CA SER A 3 -13.18 9.33 14.53
C SER A 3 -13.12 7.94 15.14
N GLY A 4 -12.28 7.79 16.16
CA GLY A 4 -12.13 6.50 16.82
C GLY A 4 -11.05 5.64 16.20
N SER A 5 -10.36 4.88 17.04
CA SER A 5 -9.28 4.01 16.57
C SER A 5 -8.16 4.84 15.94
N SER A 6 -7.84 5.96 16.56
CA SER A 6 -6.79 6.85 16.06
C SER A 6 -5.41 6.33 16.46
N GLY A 7 -4.44 6.50 15.57
CA GLY A 7 -3.08 6.04 15.84
C GLY A 7 -2.08 6.59 14.85
N THR A 8 -1.55 5.72 14.00
CA THR A 8 -0.57 6.12 13.00
C THR A 8 -1.03 7.37 12.25
N GLY A 9 -0.14 8.35 12.15
CA GLY A 9 -0.47 9.58 11.46
C GLY A 9 0.13 9.64 10.07
N GLU A 10 1.14 10.49 9.90
CA GLU A 10 1.80 10.64 8.61
C GLU A 10 2.88 9.58 8.41
N LYS A 11 3.24 9.33 7.16
CA LYS A 11 4.26 8.33 6.84
C LYS A 11 5.13 8.80 5.67
N PRO A 12 6.44 8.51 5.76
CA PRO A 12 7.40 8.89 4.73
C PRO A 12 7.21 8.09 3.44
N PHE A 13 7.13 6.78 3.56
CA PHE A 13 6.95 5.91 2.41
C PHE A 13 5.48 5.63 2.16
N GLN A 14 5.12 5.44 0.90
CA GLN A 14 3.73 5.16 0.53
C GLN A 14 3.66 4.28 -0.70
N CYS A 15 2.54 3.58 -0.88
CA CYS A 15 2.35 2.70 -2.02
C CYS A 15 1.69 3.44 -3.18
N LYS A 16 2.32 3.39 -4.35
CA LYS A 16 1.80 4.06 -5.53
C LYS A 16 0.80 3.17 -6.26
N GLU A 17 0.46 2.04 -5.64
CA GLU A 17 -0.49 1.11 -6.23
C GLU A 17 -1.87 1.22 -5.57
N CYS A 18 -1.88 1.14 -4.25
CA CYS A 18 -3.13 1.25 -3.50
C CYS A 18 -3.09 2.44 -2.54
N GLY A 19 -1.89 2.87 -2.19
CA GLY A 19 -1.74 4.00 -1.29
C GLY A 19 -1.29 3.58 0.10
N MET A 20 -1.01 2.29 0.26
CA MET A 20 -0.57 1.76 1.55
C MET A 20 0.69 2.47 2.03
N ASN A 21 0.70 2.88 3.29
CA ASN A 21 1.84 3.57 3.86
C ASN A 21 2.71 2.62 4.67
N PHE A 22 4.00 2.92 4.76
CA PHE A 22 4.94 2.08 5.50
C PHE A 22 6.00 2.93 6.18
N SER A 23 6.26 2.65 7.45
CA SER A 23 7.27 3.39 8.22
C SER A 23 8.66 3.13 7.67
N TRP A 24 8.98 1.86 7.44
CA TRP A 24 10.28 1.47 6.92
C TRP A 24 10.37 1.71 5.42
N SER A 25 11.51 1.38 4.84
CA SER A 25 11.72 1.57 3.40
C SER A 25 11.46 0.26 2.65
N CYS A 26 12.20 -0.78 3.01
CA CYS A 26 12.05 -2.09 2.36
C CYS A 26 10.65 -2.64 2.58
N SER A 27 10.18 -2.58 3.82
CA SER A 27 8.85 -3.08 4.17
C SER A 27 7.87 -2.86 3.02
N LEU A 28 7.83 -1.62 2.53
CA LEU A 28 6.93 -1.27 1.43
C LEU A 28 7.12 -2.21 0.24
N PHE A 29 8.37 -2.35 -0.19
CA PHE A 29 8.70 -3.23 -1.31
C PHE A 29 8.02 -4.59 -1.15
N LYS A 30 8.11 -5.15 0.05
CA LYS A 30 7.51 -6.45 0.34
C LYS A 30 6.03 -6.45 -0.01
N HIS A 31 5.39 -5.28 0.09
CA HIS A 31 3.98 -5.15 -0.21
C HIS A 31 3.76 -4.82 -1.69
N LEU A 32 4.60 -3.94 -2.21
CA LEU A 32 4.50 -3.54 -3.61
C LEU A 32 4.41 -4.75 -4.52
N ARG A 33 5.16 -5.81 -4.19
CA ARG A 33 5.16 -7.03 -4.98
C ARG A 33 3.73 -7.52 -5.23
N SER A 34 2.87 -7.35 -4.23
CA SER A 34 1.48 -7.77 -4.33
C SER A 34 0.87 -7.29 -5.65
N HIS A 35 1.47 -6.27 -6.23
CA HIS A 35 0.99 -5.70 -7.49
C HIS A 35 1.84 -6.19 -8.66
N GLU A 36 3.11 -6.47 -8.38
CA GLU A 36 4.02 -6.94 -9.42
C GLU A 36 3.65 -8.34 -9.88
N ARG A 37 3.19 -9.16 -8.95
CA ARG A 37 2.80 -10.53 -9.27
C ARG A 37 1.88 -10.57 -10.49
N THR A 38 1.01 -9.56 -10.59
CA THR A 38 0.08 -9.47 -11.71
C THR A 38 0.76 -9.80 -13.03
N ASP A 39 0.13 -10.66 -13.83
CA ASP A 39 0.67 -11.05 -15.12
C ASP A 39 0.13 -10.17 -16.24
N PRO A 40 1.00 -9.82 -17.20
CA PRO A 40 0.63 -8.97 -18.33
C PRO A 40 -0.31 -9.68 -19.31
N SER A 41 -1.61 -9.60 -19.04
CA SER A 41 -2.61 -10.24 -19.90
C SER A 41 -4.01 -9.77 -19.54
N GLY A 42 -4.81 -9.47 -20.55
CA GLY A 42 -6.16 -9.02 -20.32
C GLY A 42 -7.05 -10.10 -19.74
N PRO A 43 -8.13 -9.69 -19.05
CA PRO A 43 -9.07 -10.62 -18.43
C PRO A 43 -9.90 -11.37 -19.46
N SER A 44 -9.79 -12.70 -19.46
CA SER A 44 -10.54 -13.53 -20.39
C SER A 44 -11.54 -14.40 -19.66
N SER A 45 -12.46 -14.99 -20.41
CA SER A 45 -13.48 -15.86 -19.83
C SER A 45 -13.32 -17.30 -20.31
N GLY A 46 -13.49 -18.24 -19.39
CA GLY A 46 -13.34 -19.64 -19.72
C GLY A 46 -14.62 -20.42 -19.53
ZN ZN B . -0.11 -1.33 -2.58
N GLY A 1 -11.32 -4.23 8.08
CA GLY A 1 -11.35 -3.16 9.05
C GLY A 1 -10.42 -2.01 8.68
N SER A 2 -10.94 -0.79 8.72
CA SER A 2 -10.15 0.38 8.37
C SER A 2 -9.81 1.19 9.62
N SER A 3 -8.54 1.13 10.03
CA SER A 3 -8.08 1.85 11.21
C SER A 3 -8.27 3.35 11.04
N GLY A 4 -9.31 3.88 11.68
CA GLY A 4 -9.58 5.30 11.59
C GLY A 4 -8.35 6.15 11.86
N SER A 5 -8.10 7.13 10.99
CA SER A 5 -6.95 8.00 11.13
C SER A 5 -6.86 8.54 12.56
N SER A 6 -7.97 9.07 13.05
CA SER A 6 -8.01 9.63 14.40
C SER A 6 -6.70 10.33 14.74
N GLY A 7 -6.17 11.08 13.79
CA GLY A 7 -4.92 11.79 14.01
C GLY A 7 -4.27 12.23 12.72
N THR A 8 -3.01 12.66 12.80
CA THR A 8 -2.27 13.11 11.63
C THR A 8 -0.95 12.39 11.50
N GLY A 9 -0.95 11.09 11.79
CA GLY A 9 0.26 10.30 11.70
C GLY A 9 0.80 10.22 10.29
N GLU A 10 1.59 11.21 9.89
CA GLU A 10 2.16 11.25 8.55
C GLU A 10 3.04 10.03 8.31
N LYS A 11 3.45 9.85 7.05
CA LYS A 11 4.29 8.72 6.68
C LYS A 11 5.27 9.11 5.57
N PRO A 12 6.53 8.71 5.74
CA PRO A 12 7.59 9.00 4.76
C PRO A 12 7.41 8.23 3.45
N PHE A 13 7.21 6.93 3.57
CA PHE A 13 7.02 6.07 2.40
C PHE A 13 5.55 5.76 2.19
N GLN A 14 5.17 5.51 0.94
CA GLN A 14 3.79 5.19 0.61
C GLN A 14 3.73 4.30 -0.64
N CYS A 15 2.61 3.58 -0.78
CA CYS A 15 2.42 2.70 -1.93
C CYS A 15 1.80 3.45 -3.10
N LYS A 16 2.45 3.37 -4.25
CA LYS A 16 1.96 4.04 -5.46
C LYS A 16 0.97 3.16 -6.20
N GLU A 17 0.60 2.04 -5.58
CA GLU A 17 -0.36 1.12 -6.20
C GLU A 17 -1.74 1.28 -5.58
N CYS A 18 -1.81 1.14 -4.25
CA CYS A 18 -3.07 1.26 -3.54
C CYS A 18 -3.04 2.45 -2.58
N GLY A 19 -1.83 2.86 -2.20
CA GLY A 19 -1.68 3.98 -1.29
C GLY A 19 -1.22 3.55 0.09
N MET A 20 -1.02 2.25 0.26
CA MET A 20 -0.58 1.71 1.55
C MET A 20 0.68 2.42 2.03
N ASN A 21 0.66 2.88 3.27
CA ASN A 21 1.80 3.57 3.86
C ASN A 21 2.64 2.62 4.70
N PHE A 22 3.94 2.91 4.79
CA PHE A 22 4.85 2.09 5.58
C PHE A 22 5.92 2.93 6.24
N SER A 23 6.32 2.53 7.45
CA SER A 23 7.34 3.26 8.20
C SER A 23 8.72 3.08 7.58
N TRP A 24 9.12 1.83 7.42
CA TRP A 24 10.42 1.50 6.83
C TRP A 24 10.42 1.76 5.33
N SER A 25 11.54 1.47 4.68
CA SER A 25 11.67 1.67 3.24
C SER A 25 11.48 0.35 2.49
N CYS A 26 12.18 -0.69 2.94
CA CYS A 26 12.09 -2.00 2.31
C CYS A 26 10.71 -2.61 2.54
N SER A 27 10.24 -2.55 3.77
CA SER A 27 8.93 -3.11 4.12
C SER A 27 7.93 -2.89 2.99
N LEU A 28 7.82 -1.65 2.55
CA LEU A 28 6.89 -1.30 1.46
C LEU A 28 7.08 -2.24 0.27
N PHE A 29 8.33 -2.41 -0.15
CA PHE A 29 8.64 -3.28 -1.28
C PHE A 29 7.94 -4.64 -1.13
N LYS A 30 8.05 -5.22 0.05
CA LYS A 30 7.43 -6.51 0.33
C LYS A 30 5.94 -6.48 -0.01
N HIS A 31 5.34 -5.30 0.11
CA HIS A 31 3.92 -5.14 -0.19
C HIS A 31 3.70 -4.80 -1.65
N LEU A 32 4.60 -3.98 -2.20
CA LEU A 32 4.50 -3.57 -3.60
C LEU A 32 4.44 -4.78 -4.52
N ARG A 33 5.20 -5.82 -4.19
CA ARG A 33 5.23 -7.04 -4.99
C ARG A 33 3.82 -7.56 -5.21
N SER A 34 2.94 -7.32 -4.25
CA SER A 34 1.56 -7.79 -4.34
C SER A 34 0.90 -7.27 -5.61
N HIS A 35 1.54 -6.30 -6.25
CA HIS A 35 1.01 -5.72 -7.48
C HIS A 35 1.81 -6.22 -8.69
N GLU A 36 3.08 -6.50 -8.48
CA GLU A 36 3.95 -6.98 -9.55
C GLU A 36 3.59 -8.39 -9.96
N ARG A 37 3.00 -9.14 -9.03
CA ARG A 37 2.61 -10.53 -9.28
C ARG A 37 1.15 -10.60 -9.72
N THR A 38 0.25 -10.15 -8.85
CA THR A 38 -1.18 -10.17 -9.14
C THR A 38 -1.72 -8.75 -9.25
N ASP A 39 -2.70 -8.57 -10.12
CA ASP A 39 -3.33 -7.25 -10.32
C ASP A 39 -4.78 -7.27 -9.85
N PRO A 40 -5.29 -6.08 -9.48
CA PRO A 40 -6.67 -5.93 -9.01
C PRO A 40 -7.70 -6.15 -10.12
N SER A 41 -8.72 -6.94 -9.83
CA SER A 41 -9.76 -7.24 -10.80
C SER A 41 -10.67 -6.03 -11.00
N GLY A 42 -10.72 -5.53 -12.25
CA GLY A 42 -11.55 -4.38 -12.56
C GLY A 42 -12.50 -4.65 -13.70
N PRO A 43 -13.44 -3.72 -13.91
CA PRO A 43 -14.44 -3.83 -14.98
C PRO A 43 -13.83 -3.66 -16.37
N SER A 44 -13.84 -4.74 -17.14
CA SER A 44 -13.28 -4.71 -18.49
C SER A 44 -14.08 -3.77 -19.39
N SER A 45 -15.40 -3.99 -19.44
CA SER A 45 -16.27 -3.16 -20.25
C SER A 45 -16.35 -1.74 -19.71
N GLY A 46 -16.20 -0.76 -20.61
CA GLY A 46 -16.26 0.63 -20.20
C GLY A 46 -16.37 1.58 -21.37
ZN ZN B . -0.14 -1.36 -2.52
N GLY A 1 -15.64 2.20 12.14
CA GLY A 1 -15.62 0.78 12.46
C GLY A 1 -14.94 -0.04 11.37
N SER A 2 -14.00 -0.89 11.79
CA SER A 2 -13.27 -1.73 10.84
C SER A 2 -12.93 -0.96 9.57
N SER A 3 -12.51 0.29 9.74
CA SER A 3 -12.16 1.14 8.61
C SER A 3 -11.58 2.47 9.08
N GLY A 4 -10.97 3.21 8.16
CA GLY A 4 -10.40 4.49 8.50
C GLY A 4 -9.07 4.36 9.22
N SER A 5 -8.20 3.48 8.72
CA SER A 5 -6.91 3.25 9.32
C SER A 5 -6.19 4.57 9.58
N SER A 6 -6.00 4.90 10.85
CA SER A 6 -5.32 6.13 11.23
C SER A 6 -3.87 5.88 11.60
N GLY A 7 -3.00 6.83 11.28
CA GLY A 7 -1.59 6.69 11.58
C GLY A 7 -0.98 7.96 12.13
N THR A 8 -0.75 7.99 13.44
CA THR A 8 -0.18 9.16 14.08
C THR A 8 0.88 9.82 13.20
N GLY A 9 0.91 11.14 13.20
CA GLY A 9 1.87 11.86 12.40
C GLY A 9 1.73 11.57 10.92
N GLU A 10 2.86 11.37 10.24
CA GLU A 10 2.84 11.09 8.81
C GLU A 10 3.82 9.97 8.47
N LYS A 11 3.67 9.40 7.28
CA LYS A 11 4.54 8.31 6.84
C LYS A 11 5.49 8.79 5.75
N PRO A 12 6.77 8.40 5.86
CA PRO A 12 7.80 8.79 4.88
C PRO A 12 7.61 8.09 3.54
N PHE A 13 7.30 6.79 3.59
CA PHE A 13 7.10 6.02 2.37
C PHE A 13 5.63 5.69 2.18
N GLN A 14 5.21 5.56 0.93
CA GLN A 14 3.82 5.25 0.60
C GLN A 14 3.73 4.41 -0.67
N CYS A 15 2.67 3.62 -0.79
CA CYS A 15 2.46 2.77 -1.96
C CYS A 15 1.84 3.57 -3.10
N LYS A 16 2.31 3.30 -4.32
CA LYS A 16 1.80 3.99 -5.50
C LYS A 16 0.76 3.14 -6.21
N GLU A 17 0.46 1.97 -5.66
CA GLU A 17 -0.53 1.07 -6.25
C GLU A 17 -1.88 1.22 -5.56
N CYS A 18 -1.90 1.06 -4.25
CA CYS A 18 -3.14 1.18 -3.48
C CYS A 18 -3.06 2.36 -2.52
N GLY A 19 -1.84 2.74 -2.15
CA GLY A 19 -1.65 3.86 -1.24
C GLY A 19 -1.12 3.42 0.10
N MET A 20 -1.06 2.12 0.32
CA MET A 20 -0.56 1.57 1.57
C MET A 20 0.73 2.27 2.00
N ASN A 21 0.77 2.71 3.25
CA ASN A 21 1.94 3.40 3.78
C ASN A 21 2.78 2.45 4.65
N PHE A 22 4.07 2.77 4.79
CA PHE A 22 4.97 1.96 5.59
C PHE A 22 6.03 2.82 6.24
N SER A 23 6.46 2.41 7.44
CA SER A 23 7.48 3.15 8.18
C SER A 23 8.88 2.67 7.82
N TRP A 24 9.04 2.26 6.57
CA TRP A 24 10.34 1.77 6.10
C TRP A 24 10.38 1.76 4.57
N SER A 25 11.59 1.65 4.02
CA SER A 25 11.78 1.64 2.58
C SER A 25 11.61 0.22 2.03
N CYS A 26 12.11 -0.77 2.77
CA CYS A 26 12.01 -2.16 2.35
C CYS A 26 10.60 -2.69 2.60
N SER A 27 10.09 -2.46 3.80
CA SER A 27 8.75 -2.92 4.17
C SER A 27 7.78 -2.73 3.01
N LEU A 28 7.65 -1.49 2.55
CA LEU A 28 6.74 -1.17 1.45
C LEU A 28 6.97 -2.13 0.27
N PHE A 29 8.22 -2.26 -0.14
CA PHE A 29 8.57 -3.14 -1.26
C PHE A 29 7.92 -4.51 -1.09
N LYS A 30 8.12 -5.12 0.07
CA LYS A 30 7.55 -6.43 0.35
C LYS A 30 6.06 -6.45 0.05
N HIS A 31 5.44 -5.28 0.06
CA HIS A 31 4.01 -5.16 -0.21
C HIS A 31 3.76 -4.82 -1.66
N LEU A 32 4.60 -3.94 -2.21
CA LEU A 32 4.47 -3.53 -3.60
C LEU A 32 4.40 -4.74 -4.53
N ARG A 33 5.14 -5.78 -4.20
CA ARG A 33 5.16 -7.00 -5.00
C ARG A 33 3.73 -7.49 -5.28
N SER A 34 2.90 -7.44 -4.25
CA SER A 34 1.51 -7.88 -4.38
C SER A 34 0.91 -7.41 -5.70
N HIS A 35 1.47 -6.32 -6.24
CA HIS A 35 0.99 -5.76 -7.50
C HIS A 35 1.85 -6.24 -8.67
N GLU A 36 3.12 -6.51 -8.39
CA GLU A 36 4.05 -6.97 -9.42
C GLU A 36 3.69 -8.39 -9.86
N ARG A 37 3.12 -9.17 -8.95
CA ARG A 37 2.75 -10.54 -9.25
C ARG A 37 1.23 -10.67 -9.39
N THR A 38 0.81 -11.40 -10.41
CA THR A 38 -0.61 -11.61 -10.67
C THR A 38 -0.85 -12.85 -11.51
N ASP A 39 -1.65 -13.78 -10.98
CA ASP A 39 -1.96 -15.01 -11.69
C ASP A 39 -3.00 -14.77 -12.77
N PRO A 40 -2.86 -15.49 -13.90
CA PRO A 40 -3.78 -15.38 -15.03
C PRO A 40 -5.15 -15.96 -14.73
N SER A 41 -5.34 -16.41 -13.49
CA SER A 41 -6.61 -16.99 -13.07
C SER A 41 -6.96 -16.56 -11.65
N GLY A 42 -8.23 -16.72 -11.29
CA GLY A 42 -8.67 -16.34 -9.95
C GLY A 42 -10.18 -16.42 -9.80
N PRO A 43 -10.68 -16.05 -8.62
CA PRO A 43 -12.11 -16.08 -8.32
C PRO A 43 -12.89 -15.01 -9.09
N SER A 44 -13.30 -15.35 -10.31
CA SER A 44 -14.05 -14.43 -11.14
C SER A 44 -15.34 -13.99 -10.45
N SER A 45 -15.33 -12.77 -9.92
CA SER A 45 -16.50 -12.23 -9.23
C SER A 45 -17.17 -11.15 -10.06
N GLY A 46 -16.43 -10.06 -10.31
CA GLY A 46 -16.98 -8.96 -11.10
C GLY A 46 -17.90 -8.08 -10.28
ZN ZN B . -0.12 -1.33 -2.59
N GLY A 1 -13.58 0.90 26.95
CA GLY A 1 -13.51 1.04 25.51
C GLY A 1 -12.17 1.58 25.06
N SER A 2 -11.74 1.15 23.88
CA SER A 2 -10.46 1.59 23.33
C SER A 2 -10.66 2.43 22.07
N SER A 3 -10.43 3.73 22.19
CA SER A 3 -10.61 4.65 21.07
C SER A 3 -9.91 5.98 21.35
N GLY A 4 -9.33 6.56 20.29
CA GLY A 4 -8.63 7.82 20.44
C GLY A 4 -7.24 7.79 19.84
N SER A 5 -6.94 8.77 19.00
CA SER A 5 -5.64 8.85 18.35
C SER A 5 -5.45 10.20 17.66
N SER A 6 -4.20 10.55 17.37
CA SER A 6 -3.89 11.81 16.71
C SER A 6 -3.91 11.65 15.21
N GLY A 7 -5.09 11.82 14.61
CA GLY A 7 -5.22 11.70 13.17
C GLY A 7 -4.61 10.42 12.64
N THR A 8 -4.55 10.30 11.31
CA THR A 8 -3.98 9.12 10.68
C THR A 8 -2.45 9.14 10.74
N GLY A 9 -1.89 10.33 10.95
CA GLY A 9 -0.44 10.46 11.02
C GLY A 9 0.20 10.50 9.65
N GLU A 10 1.33 11.19 9.55
CA GLU A 10 2.05 11.30 8.29
C GLU A 10 3.08 10.18 8.15
N LYS A 11 3.30 9.73 6.92
CA LYS A 11 4.26 8.68 6.64
C LYS A 11 5.23 9.09 5.55
N PRO A 12 6.50 8.70 5.71
CA PRO A 12 7.55 9.02 4.74
C PRO A 12 7.39 8.26 3.43
N PHE A 13 7.22 6.95 3.52
CA PHE A 13 7.04 6.12 2.33
C PHE A 13 5.57 5.75 2.14
N GLN A 14 5.16 5.63 0.89
CA GLN A 14 3.77 5.29 0.56
C GLN A 14 3.71 4.40 -0.68
N CYS A 15 2.67 3.58 -0.77
CA CYS A 15 2.49 2.68 -1.90
C CYS A 15 1.86 3.42 -3.08
N LYS A 16 2.51 3.35 -4.23
CA LYS A 16 2.01 4.02 -5.44
C LYS A 16 1.01 3.13 -6.16
N GLU A 17 0.68 2.00 -5.55
CA GLU A 17 -0.28 1.07 -6.14
C GLU A 17 -1.66 1.23 -5.52
N CYS A 18 -1.73 1.07 -4.21
CA CYS A 18 -2.99 1.20 -3.49
C CYS A 18 -2.95 2.38 -2.52
N GLY A 19 -1.74 2.78 -2.13
CA GLY A 19 -1.58 3.88 -1.20
C GLY A 19 -1.08 3.44 0.15
N MET A 20 -0.95 2.13 0.34
CA MET A 20 -0.48 1.57 1.60
C MET A 20 0.80 2.27 2.06
N ASN A 21 0.80 2.73 3.30
CA ASN A 21 1.97 3.42 3.85
C ASN A 21 2.86 2.44 4.63
N PHE A 22 4.13 2.82 4.79
CA PHE A 22 5.08 1.98 5.51
C PHE A 22 6.17 2.82 6.15
N SER A 23 6.28 2.74 7.48
CA SER A 23 7.28 3.49 8.21
C SER A 23 8.66 3.32 7.59
N TRP A 24 9.00 2.09 7.25
CA TRP A 24 10.30 1.80 6.64
C TRP A 24 10.23 1.94 5.13
N SER A 25 11.37 1.71 4.47
CA SER A 25 11.44 1.82 3.02
C SER A 25 11.33 0.44 2.36
N CYS A 26 11.96 -0.54 2.97
CA CYS A 26 11.93 -1.91 2.45
C CYS A 26 10.55 -2.54 2.64
N SER A 27 10.06 -2.51 3.87
CA SER A 27 8.76 -3.07 4.19
C SER A 27 7.78 -2.86 3.03
N LEU A 28 7.69 -1.63 2.57
CA LEU A 28 6.79 -1.29 1.47
C LEU A 28 7.02 -2.22 0.27
N PHE A 29 8.28 -2.34 -0.14
CA PHE A 29 8.63 -3.20 -1.27
C PHE A 29 7.97 -4.56 -1.13
N LYS A 30 8.11 -5.17 0.04
CA LYS A 30 7.53 -6.48 0.30
C LYS A 30 6.04 -6.50 -0.02
N HIS A 31 5.41 -5.33 0.09
CA HIS A 31 3.98 -5.21 -0.18
C HIS A 31 3.75 -4.87 -1.65
N LEU A 32 4.60 -4.03 -2.21
CA LEU A 32 4.49 -3.62 -3.60
C LEU A 32 4.41 -4.84 -4.52
N ARG A 33 5.16 -5.89 -4.18
CA ARG A 33 5.17 -7.11 -4.97
C ARG A 33 3.75 -7.61 -5.21
N SER A 34 2.88 -7.38 -4.24
CA SER A 34 1.48 -7.81 -4.34
C SER A 34 0.84 -7.28 -5.63
N HIS A 35 1.50 -6.31 -6.25
CA HIS A 35 1.00 -5.72 -7.49
C HIS A 35 1.85 -6.16 -8.68
N GLU A 36 3.12 -6.44 -8.43
CA GLU A 36 4.02 -6.87 -9.49
C GLU A 36 3.64 -8.25 -10.02
N ARG A 37 2.92 -9.01 -9.19
CA ARG A 37 2.49 -10.36 -9.56
C ARG A 37 1.02 -10.36 -9.96
N THR A 38 0.66 -11.22 -10.91
CA THR A 38 -0.71 -11.33 -11.38
C THR A 38 -1.05 -12.76 -11.76
N ASP A 39 -2.26 -13.20 -11.41
CA ASP A 39 -2.71 -14.55 -11.72
C ASP A 39 -3.59 -14.55 -12.96
N PRO A 40 -3.43 -15.59 -13.79
CA PRO A 40 -4.21 -15.74 -15.04
C PRO A 40 -5.68 -16.05 -14.77
N SER A 41 -6.04 -16.13 -13.48
CA SER A 41 -7.41 -16.42 -13.09
C SER A 41 -8.34 -15.28 -13.49
N GLY A 42 -9.15 -15.50 -14.52
CA GLY A 42 -10.07 -14.49 -14.98
C GLY A 42 -9.48 -13.62 -16.07
N PRO A 43 -10.36 -12.97 -16.86
CA PRO A 43 -9.95 -12.10 -17.95
C PRO A 43 -9.30 -10.81 -17.45
N SER A 44 -8.17 -10.46 -18.06
CA SER A 44 -7.45 -9.25 -17.66
C SER A 44 -7.96 -8.04 -18.43
N SER A 45 -8.12 -8.20 -19.74
CA SER A 45 -8.60 -7.11 -20.59
C SER A 45 -7.76 -5.86 -20.41
N GLY A 46 -6.44 -6.05 -20.33
CA GLY A 46 -5.54 -4.93 -20.16
C GLY A 46 -4.08 -5.35 -20.16
ZN ZN B . -0.06 -1.38 -2.45
N GLY A 1 -17.79 6.85 14.98
CA GLY A 1 -17.69 5.43 15.21
C GLY A 1 -16.68 4.76 14.27
N SER A 2 -15.42 5.18 14.37
CA SER A 2 -14.37 4.63 13.52
C SER A 2 -14.12 3.16 13.87
N SER A 3 -13.46 2.46 12.95
CA SER A 3 -13.15 1.04 13.15
C SER A 3 -11.67 0.84 13.43
N GLY A 4 -11.31 0.85 14.71
CA GLY A 4 -9.92 0.66 15.09
C GLY A 4 -9.12 1.95 15.02
N SER A 5 -7.80 1.82 14.97
CA SER A 5 -6.93 2.98 14.91
C SER A 5 -7.16 3.78 13.63
N SER A 6 -6.75 5.04 13.63
CA SER A 6 -6.93 5.91 12.47
C SER A 6 -5.59 6.54 12.07
N GLY A 7 -5.35 6.61 10.77
CA GLY A 7 -4.12 7.19 10.26
C GLY A 7 -4.09 8.69 10.40
N THR A 8 -3.65 9.18 11.56
CA THR A 8 -3.58 10.61 11.81
C THR A 8 -2.13 11.09 11.89
N GLY A 9 -1.29 10.54 11.03
CA GLY A 9 0.11 10.93 11.03
C GLY A 9 0.76 10.78 9.66
N GLU A 10 1.67 11.69 9.33
CA GLU A 10 2.35 11.66 8.05
C GLU A 10 3.18 10.39 7.91
N LYS A 11 3.54 10.05 6.67
CA LYS A 11 4.34 8.86 6.40
C LYS A 11 5.39 9.15 5.34
N PRO A 12 6.63 8.69 5.60
CA PRO A 12 7.75 8.88 4.67
C PRO A 12 7.60 8.06 3.40
N PHE A 13 7.22 6.79 3.55
CA PHE A 13 7.03 5.91 2.41
C PHE A 13 5.56 5.64 2.16
N GLN A 14 5.21 5.42 0.89
CA GLN A 14 3.82 5.15 0.52
C GLN A 14 3.75 4.27 -0.72
N CYS A 15 2.65 3.54 -0.86
CA CYS A 15 2.46 2.65 -2.00
C CYS A 15 1.81 3.39 -3.16
N LYS A 16 2.56 3.58 -4.24
CA LYS A 16 2.05 4.27 -5.42
C LYS A 16 1.07 3.39 -6.18
N GLU A 17 0.82 2.20 -5.66
CA GLU A 17 -0.10 1.27 -6.29
C GLU A 17 -1.50 1.41 -5.70
N CYS A 18 -1.60 1.30 -4.38
CA CYS A 18 -2.87 1.41 -3.69
C CYS A 18 -2.87 2.57 -2.71
N GLY A 19 -1.67 2.99 -2.30
CA GLY A 19 -1.54 4.09 -1.36
C GLY A 19 -1.16 3.63 0.03
N MET A 20 -0.91 2.34 0.17
CA MET A 20 -0.52 1.77 1.45
C MET A 20 0.73 2.45 1.99
N ASN A 21 0.68 2.88 3.25
CA ASN A 21 1.81 3.54 3.88
C ASN A 21 2.63 2.55 4.70
N PHE A 22 3.94 2.80 4.78
CA PHE A 22 4.84 1.93 5.53
C PHE A 22 5.91 2.75 6.25
N SER A 23 6.16 2.40 7.50
CA SER A 23 7.16 3.11 8.31
C SER A 23 8.55 2.91 7.72
N TRP A 24 8.92 1.65 7.48
CA TRP A 24 10.22 1.32 6.93
C TRP A 24 10.23 1.50 5.42
N SER A 25 11.43 1.52 4.84
CA SER A 25 11.58 1.69 3.39
C SER A 25 11.35 0.37 2.67
N CYS A 26 12.15 -0.63 3.03
CA CYS A 26 12.05 -1.95 2.41
C CYS A 26 10.66 -2.54 2.62
N SER A 27 10.17 -2.49 3.86
CA SER A 27 8.86 -3.01 4.20
C SER A 27 7.88 -2.82 3.04
N LEU A 28 7.80 -1.59 2.54
CA LEU A 28 6.90 -1.27 1.44
C LEU A 28 7.13 -2.22 0.26
N PHE A 29 8.37 -2.33 -0.18
CA PHE A 29 8.72 -3.20 -1.29
C PHE A 29 8.05 -4.56 -1.14
N LYS A 30 8.14 -5.13 0.05
CA LYS A 30 7.53 -6.43 0.33
C LYS A 30 6.06 -6.43 -0.05
N HIS A 31 5.42 -5.29 0.10
CA HIS A 31 4.00 -5.16 -0.21
C HIS A 31 3.80 -4.82 -1.70
N LEU A 32 4.67 -3.96 -2.22
CA LEU A 32 4.59 -3.55 -3.61
C LEU A 32 4.44 -4.76 -4.53
N ARG A 33 5.19 -5.82 -4.23
CA ARG A 33 5.14 -7.05 -5.02
C ARG A 33 3.69 -7.49 -5.23
N SER A 34 2.85 -7.26 -4.23
CA SER A 34 1.44 -7.65 -4.31
C SER A 34 0.82 -7.19 -5.62
N HIS A 35 1.47 -6.21 -6.27
CA HIS A 35 0.98 -5.69 -7.53
C HIS A 35 1.79 -6.24 -8.70
N GLU A 36 3.05 -6.57 -8.44
CA GLU A 36 3.93 -7.11 -9.47
C GLU A 36 3.50 -8.51 -9.87
N ARG A 37 2.96 -9.26 -8.92
CA ARG A 37 2.50 -10.62 -9.16
C ARG A 37 1.29 -10.63 -10.10
N THR A 38 0.19 -10.01 -9.64
CA THR A 38 -1.03 -9.95 -10.42
C THR A 38 -0.85 -9.06 -11.66
N ASP A 39 -1.33 -9.54 -12.79
CA ASP A 39 -1.22 -8.80 -14.04
C ASP A 39 -2.57 -8.23 -14.46
N PRO A 40 -2.57 -6.98 -14.96
CA PRO A 40 -3.79 -6.30 -15.40
C PRO A 40 -4.37 -6.93 -16.67
N SER A 41 -5.20 -7.94 -16.50
CA SER A 41 -5.82 -8.63 -17.63
C SER A 41 -7.06 -9.40 -17.19
N GLY A 42 -8.06 -9.47 -18.07
CA GLY A 42 -9.28 -10.18 -17.76
C GLY A 42 -10.20 -9.38 -16.85
N PRO A 43 -11.30 -10.00 -16.41
CA PRO A 43 -12.28 -9.35 -15.53
C PRO A 43 -11.73 -9.14 -14.12
N SER A 44 -11.03 -8.04 -13.92
CA SER A 44 -10.44 -7.72 -12.62
C SER A 44 -11.43 -8.01 -11.51
N SER A 45 -11.22 -9.14 -10.82
CA SER A 45 -12.09 -9.53 -9.73
C SER A 45 -12.41 -8.34 -8.82
N GLY A 46 -11.38 -7.59 -8.47
CA GLY A 46 -11.57 -6.43 -7.61
C GLY A 46 -10.61 -5.30 -7.94
ZN ZN B . -0.02 -1.33 -2.59
N GLY A 1 -19.15 11.45 14.87
CA GLY A 1 -17.85 10.87 15.11
C GLY A 1 -16.76 11.48 14.25
N SER A 2 -15.76 10.67 13.89
CA SER A 2 -14.67 11.15 13.06
C SER A 2 -15.04 11.12 11.58
N SER A 3 -14.13 11.62 10.74
CA SER A 3 -14.37 11.65 9.30
C SER A 3 -13.07 11.84 8.53
N GLY A 4 -12.67 10.82 7.79
CA GLY A 4 -11.45 10.87 7.02
C GLY A 4 -10.39 9.92 7.54
N SER A 5 -10.29 8.75 6.92
CA SER A 5 -9.31 7.74 7.32
C SER A 5 -7.98 7.97 6.62
N SER A 6 -7.52 9.22 6.63
CA SER A 6 -6.26 9.57 5.99
C SER A 6 -5.08 9.29 6.92
N GLY A 7 -5.07 8.10 7.51
CA GLY A 7 -4.00 7.74 8.42
C GLY A 7 -4.03 8.53 9.71
N THR A 8 -3.55 7.92 10.79
CA THR A 8 -3.53 8.58 12.09
C THR A 8 -2.54 9.74 12.11
N GLY A 9 -1.59 9.72 11.17
CA GLY A 9 -0.60 10.77 11.08
C GLY A 9 0.04 10.86 9.72
N GLU A 10 1.33 11.15 9.68
CA GLU A 10 2.06 11.26 8.43
C GLU A 10 2.89 10.01 8.16
N LYS A 11 3.40 9.89 6.93
CA LYS A 11 4.19 8.74 6.54
C LYS A 11 5.21 9.13 5.46
N PRO A 12 6.45 8.67 5.63
CA PRO A 12 7.54 8.95 4.67
C PRO A 12 7.34 8.22 3.35
N PHE A 13 7.10 6.92 3.41
CA PHE A 13 6.89 6.11 2.22
C PHE A 13 5.41 5.78 2.04
N GLN A 14 5.03 5.46 0.80
CA GLN A 14 3.65 5.12 0.50
C GLN A 14 3.57 4.21 -0.73
N CYS A 15 2.47 3.48 -0.85
CA CYS A 15 2.27 2.57 -1.97
C CYS A 15 1.60 3.30 -3.13
N LYS A 16 2.20 3.17 -4.32
CA LYS A 16 1.67 3.81 -5.52
C LYS A 16 0.66 2.90 -6.21
N GLU A 17 0.32 1.80 -5.57
CA GLU A 17 -0.64 0.85 -6.12
C GLU A 17 -2.00 1.00 -5.44
N CYS A 18 -2.02 0.89 -4.12
CA CYS A 18 -3.25 1.01 -3.35
C CYS A 18 -3.20 2.22 -2.42
N GLY A 19 -1.98 2.65 -2.10
CA GLY A 19 -1.81 3.80 -1.23
C GLY A 19 -1.32 3.41 0.16
N MET A 20 -1.09 2.11 0.34
CA MET A 20 -0.60 1.61 1.62
C MET A 20 0.66 2.35 2.07
N ASN A 21 0.66 2.81 3.31
CA ASN A 21 1.80 3.54 3.85
C ASN A 21 2.69 2.62 4.69
N PHE A 22 3.98 2.91 4.73
CA PHE A 22 4.93 2.11 5.51
C PHE A 22 5.99 3.00 6.14
N SER A 23 6.36 2.68 7.38
CA SER A 23 7.37 3.45 8.09
C SER A 23 8.77 2.96 7.76
N TRP A 24 8.97 2.54 6.51
CA TRP A 24 10.26 2.05 6.06
C TRP A 24 10.37 2.14 4.55
N SER A 25 11.52 1.74 4.02
CA SER A 25 11.77 1.77 2.58
C SER A 25 11.72 0.37 1.99
N CYS A 26 12.22 -0.60 2.75
CA CYS A 26 12.24 -1.99 2.29
C CYS A 26 10.89 -2.65 2.52
N SER A 27 10.33 -2.46 3.71
CA SER A 27 9.04 -3.05 4.06
C SER A 27 8.05 -2.90 2.90
N LEU A 28 7.78 -1.65 2.52
CA LEU A 28 6.86 -1.37 1.44
C LEU A 28 7.07 -2.33 0.27
N PHE A 29 8.33 -2.51 -0.10
CA PHE A 29 8.68 -3.41 -1.21
C PHE A 29 8.01 -4.76 -1.04
N LYS A 30 8.06 -5.30 0.17
CA LYS A 30 7.45 -6.59 0.47
C LYS A 30 5.96 -6.58 0.16
N HIS A 31 5.36 -5.39 0.20
CA HIS A 31 3.94 -5.23 -0.08
C HIS A 31 3.70 -4.91 -1.54
N LEU A 32 4.62 -4.15 -2.14
CA LEU A 32 4.51 -3.76 -3.54
C LEU A 32 4.40 -4.99 -4.43
N ARG A 33 5.10 -6.06 -4.05
CA ARG A 33 5.07 -7.30 -4.81
C ARG A 33 3.64 -7.77 -5.06
N SER A 34 2.72 -7.27 -4.25
CA SER A 34 1.30 -7.63 -4.38
C SER A 34 0.70 -7.00 -5.62
N HIS A 35 1.50 -6.22 -6.35
CA HIS A 35 1.04 -5.55 -7.55
C HIS A 35 1.96 -5.85 -8.73
N GLU A 36 3.22 -6.19 -8.41
CA GLU A 36 4.21 -6.49 -9.44
C GLU A 36 3.98 -7.88 -10.02
N ARG A 37 3.79 -8.87 -9.14
CA ARG A 37 3.56 -10.24 -9.58
C ARG A 37 2.12 -10.66 -9.30
N THR A 38 1.57 -10.17 -8.19
CA THR A 38 0.20 -10.51 -7.81
C THR A 38 -0.80 -9.63 -8.57
N ASP A 39 -1.84 -10.26 -9.09
CA ASP A 39 -2.88 -9.54 -9.82
C ASP A 39 -3.78 -8.76 -8.87
N PRO A 40 -4.17 -7.55 -9.29
CA PRO A 40 -5.04 -6.68 -8.50
C PRO A 40 -6.46 -7.20 -8.41
N SER A 41 -7.30 -6.50 -7.65
CA SER A 41 -8.69 -6.91 -7.47
C SER A 41 -9.51 -6.58 -8.71
N GLY A 42 -9.33 -5.38 -9.24
CA GLY A 42 -10.05 -4.97 -10.43
C GLY A 42 -9.48 -3.72 -11.05
N PRO A 43 -10.11 -3.27 -12.16
CA PRO A 43 -9.67 -2.05 -12.87
C PRO A 43 -9.94 -0.79 -12.08
N SER A 44 -8.93 0.07 -11.98
CA SER A 44 -9.06 1.33 -11.24
C SER A 44 -8.58 2.50 -12.09
N SER A 45 -8.94 2.49 -13.37
CA SER A 45 -8.55 3.55 -14.28
C SER A 45 -9.75 4.44 -14.65
N GLY A 46 -9.64 5.72 -14.37
CA GLY A 46 -10.70 6.64 -14.68
C GLY A 46 -10.41 8.05 -14.21
ZN ZN B . -0.22 -1.54 -2.41
N GLY A 1 -13.16 19.17 5.73
CA GLY A 1 -13.07 18.11 6.72
C GLY A 1 -12.60 18.61 8.07
N SER A 2 -12.45 17.70 9.02
CA SER A 2 -12.01 18.06 10.36
C SER A 2 -10.55 17.66 10.59
N SER A 3 -9.63 18.56 10.23
CA SER A 3 -8.21 18.28 10.39
C SER A 3 -7.70 18.85 11.72
N GLY A 4 -6.54 18.36 12.15
CA GLY A 4 -5.96 18.82 13.40
C GLY A 4 -5.57 17.68 14.31
N SER A 5 -4.35 17.19 14.15
CA SER A 5 -3.85 16.08 14.97
C SER A 5 -2.83 16.58 15.98
N SER A 6 -2.76 15.89 17.12
CA SER A 6 -1.82 16.26 18.18
C SER A 6 -0.78 15.16 18.38
N GLY A 7 0.39 15.36 17.79
CA GLY A 7 1.46 14.38 17.91
C GLY A 7 1.83 13.75 16.59
N THR A 8 3.00 13.13 16.54
CA THR A 8 3.48 12.48 15.32
C THR A 8 2.40 11.60 14.71
N GLY A 9 2.29 11.63 13.39
CA GLY A 9 1.29 10.82 12.71
C GLY A 9 1.41 10.91 11.20
N GLU A 10 2.61 10.67 10.68
CA GLU A 10 2.84 10.73 9.25
C GLU A 10 3.69 9.55 8.79
N LYS A 11 3.66 9.26 7.48
CA LYS A 11 4.43 8.17 6.91
C LYS A 11 5.40 8.67 5.87
N PRO A 12 6.67 8.25 5.98
CA PRO A 12 7.73 8.65 5.04
C PRO A 12 7.55 8.03 3.67
N PHE A 13 7.25 6.73 3.64
CA PHE A 13 7.06 6.02 2.38
C PHE A 13 5.58 5.66 2.18
N GLN A 14 5.16 5.57 0.93
CA GLN A 14 3.78 5.23 0.61
C GLN A 14 3.70 4.39 -0.66
N CYS A 15 2.66 3.57 -0.77
CA CYS A 15 2.46 2.72 -1.93
C CYS A 15 1.77 3.48 -3.06
N LYS A 16 2.41 3.48 -4.23
CA LYS A 16 1.86 4.17 -5.39
C LYS A 16 0.89 3.27 -6.15
N GLU A 17 0.62 2.10 -5.59
CA GLU A 17 -0.29 1.15 -6.21
C GLU A 17 -1.68 1.22 -5.57
N CYS A 18 -1.72 1.10 -4.25
CA CYS A 18 -2.97 1.15 -3.50
C CYS A 18 -2.98 2.30 -2.51
N GLY A 19 -1.78 2.73 -2.11
CA GLY A 19 -1.67 3.82 -1.16
C GLY A 19 -1.11 3.37 0.17
N MET A 20 -1.04 2.05 0.38
CA MET A 20 -0.52 1.50 1.62
C MET A 20 0.75 2.21 2.05
N ASN A 21 0.77 2.66 3.30
CA ASN A 21 1.93 3.36 3.84
C ASN A 21 2.83 2.42 4.62
N PHE A 22 4.09 2.81 4.79
CA PHE A 22 5.06 2.00 5.52
C PHE A 22 6.14 2.87 6.14
N SER A 23 6.56 2.51 7.35
CA SER A 23 7.59 3.26 8.06
C SER A 23 8.98 2.77 7.67
N TRP A 24 9.11 2.27 6.45
CA TRP A 24 10.38 1.77 5.94
C TRP A 24 10.36 1.65 4.43
N SER A 25 11.50 1.90 3.80
CA SER A 25 11.62 1.83 2.35
C SER A 25 11.50 0.38 1.87
N CYS A 26 12.04 -0.55 2.66
CA CYS A 26 11.98 -1.96 2.32
C CYS A 26 10.60 -2.54 2.59
N SER A 27 10.12 -2.37 3.81
CA SER A 27 8.80 -2.88 4.19
C SER A 27 7.81 -2.72 3.05
N LEU A 28 7.67 -1.51 2.54
CA LEU A 28 6.76 -1.23 1.44
C LEU A 28 7.00 -2.18 0.28
N PHE A 29 8.26 -2.35 -0.10
CA PHE A 29 8.63 -3.23 -1.20
C PHE A 29 7.96 -4.60 -1.03
N LYS A 30 8.13 -5.19 0.14
CA LYS A 30 7.54 -6.49 0.43
C LYS A 30 6.05 -6.51 0.11
N HIS A 31 5.45 -5.32 0.08
CA HIS A 31 4.03 -5.20 -0.22
C HIS A 31 3.80 -4.90 -1.70
N LEU A 32 4.61 -3.99 -2.24
CA LEU A 32 4.50 -3.61 -3.64
C LEU A 32 4.39 -4.84 -4.54
N ARG A 33 5.07 -5.91 -4.14
CA ARG A 33 5.05 -7.16 -4.90
C ARG A 33 3.62 -7.58 -5.20
N SER A 34 2.72 -7.34 -4.26
CA SER A 34 1.32 -7.70 -4.41
C SER A 34 0.77 -7.21 -5.74
N HIS A 35 1.47 -6.25 -6.34
CA HIS A 35 1.06 -5.68 -7.62
C HIS A 35 1.96 -6.18 -8.75
N GLU A 36 3.20 -6.51 -8.41
CA GLU A 36 4.16 -6.98 -9.39
C GLU A 36 3.74 -8.35 -9.94
N ARG A 37 3.12 -9.16 -9.08
CA ARG A 37 2.68 -10.49 -9.48
C ARG A 37 1.36 -10.40 -10.26
N THR A 38 0.52 -9.47 -9.87
CA THR A 38 -0.78 -9.28 -10.53
C THR A 38 -0.62 -9.31 -12.06
N ASP A 39 -1.51 -10.04 -12.72
CA ASP A 39 -1.47 -10.15 -14.17
C ASP A 39 -2.56 -9.30 -14.81
N PRO A 40 -2.23 -8.67 -15.94
CA PRO A 40 -3.18 -7.81 -16.68
C PRO A 40 -4.30 -8.61 -17.33
N SER A 41 -5.46 -8.64 -16.68
CA SER A 41 -6.61 -9.37 -17.20
C SER A 41 -7.88 -8.55 -17.04
N GLY A 42 -8.92 -8.93 -17.80
CA GLY A 42 -10.18 -8.23 -17.73
C GLY A 42 -10.93 -8.26 -19.04
N PRO A 43 -12.17 -7.73 -19.03
CA PRO A 43 -13.02 -7.69 -20.22
C PRO A 43 -12.51 -6.72 -21.28
N SER A 44 -12.67 -7.08 -22.54
CA SER A 44 -12.22 -6.23 -23.64
C SER A 44 -13.41 -5.60 -24.37
N SER A 45 -13.86 -4.46 -23.85
CA SER A 45 -15.00 -3.76 -24.44
C SER A 45 -15.09 -2.33 -23.91
N GLY A 46 -14.80 -1.37 -24.77
CA GLY A 46 -14.85 0.03 -24.36
C GLY A 46 -14.42 0.97 -25.47
ZN ZN B . 0.07 -1.41 -2.60
N GLY A 1 -8.12 -3.83 -2.20
CA GLY A 1 -8.42 -2.44 -1.87
C GLY A 1 -8.65 -2.25 -0.39
N SER A 2 -9.91 -2.03 -0.02
CA SER A 2 -10.27 -1.83 1.38
C SER A 2 -9.45 -0.69 1.99
N SER A 3 -9.28 0.39 1.22
CA SER A 3 -8.52 1.55 1.68
C SER A 3 -9.44 2.63 2.21
N GLY A 4 -9.07 3.19 3.36
CA GLY A 4 -9.88 4.24 3.97
C GLY A 4 -9.50 4.49 5.41
N SER A 5 -8.21 4.65 5.67
CA SER A 5 -7.72 4.90 7.02
C SER A 5 -7.81 6.37 7.37
N SER A 6 -7.96 6.67 8.66
CA SER A 6 -8.06 8.04 9.13
C SER A 6 -6.74 8.76 8.99
N GLY A 7 -5.66 8.10 9.41
CA GLY A 7 -4.34 8.69 9.34
C GLY A 7 -4.06 9.64 10.48
N THR A 8 -3.73 9.07 11.64
CA THR A 8 -3.44 9.88 12.82
C THR A 8 -2.11 10.61 12.68
N GLY A 9 -1.27 10.13 11.77
CA GLY A 9 0.03 10.75 11.55
C GLY A 9 0.45 10.71 10.10
N GLU A 10 1.59 11.32 9.80
CA GLU A 10 2.11 11.35 8.43
C GLU A 10 2.93 10.09 8.13
N LYS A 11 3.32 9.95 6.87
CA LYS A 11 4.11 8.79 6.45
C LYS A 11 5.06 9.17 5.31
N PRO A 12 6.35 8.85 5.49
CA PRO A 12 7.39 9.15 4.49
C PRO A 12 7.24 8.29 3.24
N PHE A 13 7.08 6.98 3.43
CA PHE A 13 6.93 6.06 2.31
C PHE A 13 5.47 5.68 2.11
N GLN A 14 5.08 5.53 0.86
CA GLN A 14 3.70 5.18 0.52
C GLN A 14 3.66 4.26 -0.69
N CYS A 15 2.52 3.61 -0.89
CA CYS A 15 2.34 2.70 -2.01
C CYS A 15 1.70 3.41 -3.20
N LYS A 16 2.34 3.29 -4.37
CA LYS A 16 1.83 3.91 -5.58
C LYS A 16 0.83 3.01 -6.29
N GLU A 17 0.47 1.91 -5.64
CA GLU A 17 -0.48 0.96 -6.21
C GLU A 17 -1.86 1.12 -5.57
N CYS A 18 -1.90 1.01 -4.24
CA CYS A 18 -3.15 1.14 -3.51
C CYS A 18 -3.12 2.36 -2.59
N GLY A 19 -1.92 2.80 -2.23
CA GLY A 19 -1.77 3.95 -1.36
C GLY A 19 -1.36 3.55 0.05
N MET A 20 -1.04 2.29 0.24
CA MET A 20 -0.63 1.79 1.55
C MET A 20 0.63 2.49 2.03
N ASN A 21 0.61 2.98 3.26
CA ASN A 21 1.74 3.66 3.84
C ASN A 21 2.57 2.73 4.71
N PHE A 22 3.87 2.98 4.79
CA PHE A 22 4.77 2.16 5.58
C PHE A 22 5.83 3.02 6.27
N SER A 23 6.15 2.66 7.51
CA SER A 23 7.15 3.40 8.29
C SER A 23 8.55 2.90 7.97
N TRP A 24 8.77 2.49 6.73
CA TRP A 24 10.07 1.99 6.31
C TRP A 24 10.23 2.09 4.79
N SER A 25 11.36 1.60 4.29
CA SER A 25 11.64 1.64 2.86
C SER A 25 11.52 0.25 2.25
N CYS A 26 12.26 -0.70 2.80
CA CYS A 26 12.25 -2.07 2.31
C CYS A 26 10.86 -2.69 2.49
N SER A 27 10.39 -2.74 3.73
CA SER A 27 9.09 -3.31 4.03
C SER A 27 8.10 -3.05 2.90
N LEU A 28 7.87 -1.78 2.60
CA LEU A 28 6.95 -1.39 1.55
C LEU A 28 7.14 -2.28 0.31
N PHE A 29 8.40 -2.52 -0.05
CA PHE A 29 8.72 -3.34 -1.21
C PHE A 29 8.03 -4.70 -1.10
N LYS A 30 8.00 -5.25 0.10
CA LYS A 30 7.38 -6.56 0.33
C LYS A 30 5.89 -6.52 -0.02
N HIS A 31 5.28 -5.34 0.13
CA HIS A 31 3.86 -5.17 -0.16
C HIS A 31 3.66 -4.81 -1.63
N LEU A 32 4.52 -3.94 -2.15
CA LEU A 32 4.44 -3.51 -3.54
C LEU A 32 4.40 -4.71 -4.48
N ARG A 33 5.17 -5.74 -4.16
CA ARG A 33 5.22 -6.95 -4.98
C ARG A 33 3.82 -7.49 -5.21
N SER A 34 2.94 -7.29 -4.23
CA SER A 34 1.56 -7.77 -4.33
C SER A 34 0.92 -7.30 -5.63
N HIS A 35 1.50 -6.27 -6.23
CA HIS A 35 0.98 -5.73 -7.48
C HIS A 35 1.84 -6.17 -8.66
N GLU A 36 3.11 -6.41 -8.41
CA GLU A 36 4.04 -6.83 -9.46
C GLU A 36 3.71 -8.23 -9.93
N ARG A 37 3.24 -9.07 -9.02
CA ARG A 37 2.90 -10.45 -9.34
C ARG A 37 1.61 -10.87 -8.64
N THR A 38 0.70 -11.47 -9.39
CA THR A 38 -0.57 -11.91 -8.84
C THR A 38 -1.01 -13.24 -9.45
N ASP A 39 -1.70 -14.06 -8.67
CA ASP A 39 -2.17 -15.36 -9.13
C ASP A 39 -3.68 -15.49 -8.94
N PRO A 40 -4.31 -16.35 -9.77
CA PRO A 40 -5.75 -16.58 -9.70
C PRO A 40 -6.16 -17.34 -8.43
N SER A 41 -5.19 -17.63 -7.59
CA SER A 41 -5.45 -18.35 -6.34
C SER A 41 -6.26 -17.49 -5.38
N GLY A 42 -7.54 -17.81 -5.25
CA GLY A 42 -8.41 -17.06 -4.36
C GLY A 42 -8.77 -15.70 -4.92
N PRO A 43 -9.94 -15.19 -4.50
CA PRO A 43 -10.43 -13.88 -4.94
C PRO A 43 -9.61 -12.72 -4.40
N SER A 44 -10.15 -11.51 -4.50
CA SER A 44 -9.45 -10.32 -4.01
C SER A 44 -9.04 -10.50 -2.55
N SER A 45 -7.88 -9.95 -2.21
CA SER A 45 -7.37 -10.04 -0.84
C SER A 45 -8.34 -9.39 0.15
N GLY A 46 -8.87 -10.20 1.07
CA GLY A 46 -9.80 -9.68 2.06
C GLY A 46 -9.33 -9.94 3.48
ZN ZN B . -0.16 -1.42 -2.49
N GLY A 1 -5.70 -10.33 4.06
CA GLY A 1 -4.97 -9.10 4.31
C GLY A 1 -4.96 -8.73 5.79
N SER A 2 -4.11 -7.79 6.16
CA SER A 2 -4.01 -7.35 7.55
C SER A 2 -5.35 -6.84 8.05
N SER A 3 -5.65 -7.13 9.32
CA SER A 3 -6.90 -6.70 9.92
C SER A 3 -6.64 -5.92 11.21
N GLY A 4 -6.51 -4.60 11.09
CA GLY A 4 -6.27 -3.77 12.24
C GLY A 4 -5.98 -2.34 11.86
N SER A 5 -6.05 -1.44 12.84
CA SER A 5 -5.80 -0.03 12.61
C SER A 5 -4.34 0.21 12.24
N SER A 6 -4.13 1.06 11.23
CA SER A 6 -2.78 1.36 10.76
C SER A 6 -2.68 2.82 10.34
N GLY A 7 -1.58 3.47 10.73
CA GLY A 7 -1.38 4.87 10.37
C GLY A 7 -1.93 5.83 11.42
N THR A 8 -1.09 6.75 11.86
CA THR A 8 -1.49 7.72 12.87
C THR A 8 -1.53 9.13 12.29
N GLY A 9 -0.78 9.35 11.22
CA GLY A 9 -0.74 10.65 10.59
C GLY A 9 0.01 10.64 9.27
N GLU A 10 1.17 11.31 9.25
CA GLU A 10 1.99 11.37 8.05
C GLU A 10 2.93 10.16 7.96
N LYS A 11 3.39 9.87 6.75
CA LYS A 11 4.29 8.74 6.53
C LYS A 11 5.32 9.08 5.47
N PRO A 12 6.57 8.66 5.70
CA PRO A 12 7.68 8.90 4.77
C PRO A 12 7.56 8.09 3.48
N PHE A 13 7.27 6.80 3.63
CA PHE A 13 7.12 5.92 2.48
C PHE A 13 5.65 5.62 2.21
N GLN A 14 5.30 5.50 0.94
CA GLN A 14 3.92 5.22 0.55
C GLN A 14 3.88 4.34 -0.69
N CYS A 15 2.77 3.62 -0.86
CA CYS A 15 2.60 2.74 -2.01
C CYS A 15 2.05 3.50 -3.21
N LYS A 16 2.52 3.13 -4.40
CA LYS A 16 2.07 3.78 -5.62
C LYS A 16 1.01 2.94 -6.33
N GLU A 17 0.71 1.78 -5.76
CA GLU A 17 -0.29 0.88 -6.33
C GLU A 17 -1.67 1.11 -5.69
N CYS A 18 -1.72 0.99 -4.37
CA CYS A 18 -2.97 1.19 -3.65
C CYS A 18 -2.89 2.41 -2.75
N GLY A 19 -1.67 2.78 -2.36
CA GLY A 19 -1.48 3.94 -1.51
C GLY A 19 -1.13 3.54 -0.09
N MET A 20 -0.87 2.26 0.13
CA MET A 20 -0.52 1.76 1.46
C MET A 20 0.78 2.38 1.94
N ASN A 21 0.76 2.90 3.17
CA ASN A 21 1.95 3.52 3.74
C ASN A 21 2.69 2.54 4.66
N PHE A 22 3.99 2.73 4.80
CA PHE A 22 4.81 1.87 5.65
C PHE A 22 5.93 2.67 6.32
N SER A 23 6.00 2.59 7.64
CA SER A 23 7.02 3.30 8.40
C SER A 23 8.40 3.03 7.83
N TRP A 24 8.71 1.76 7.61
CA TRP A 24 10.00 1.37 7.06
C TRP A 24 10.05 1.59 5.55
N SER A 25 11.24 1.46 4.97
CA SER A 25 11.42 1.65 3.53
C SER A 25 11.19 0.34 2.79
N CYS A 26 12.00 -0.67 3.10
CA CYS A 26 11.90 -1.97 2.46
C CYS A 26 10.51 -2.56 2.67
N SER A 27 10.03 -2.51 3.91
CA SER A 27 8.71 -3.06 4.23
C SER A 27 7.73 -2.82 3.09
N LEU A 28 7.74 -1.61 2.55
CA LEU A 28 6.84 -1.25 1.45
C LEU A 28 7.11 -2.13 0.23
N PHE A 29 8.38 -2.23 -0.15
CA PHE A 29 8.76 -3.04 -1.30
C PHE A 29 8.15 -4.43 -1.22
N LYS A 30 8.15 -5.00 -0.02
CA LYS A 30 7.59 -6.33 0.20
C LYS A 30 6.12 -6.37 -0.16
N HIS A 31 5.44 -5.23 -0.01
CA HIS A 31 4.02 -5.13 -0.33
C HIS A 31 3.81 -4.81 -1.80
N LEU A 32 4.61 -3.89 -2.32
CA LEU A 32 4.52 -3.49 -3.72
C LEU A 32 4.44 -4.72 -4.63
N ARG A 33 5.18 -5.75 -4.28
CA ARG A 33 5.19 -6.99 -5.07
C ARG A 33 3.78 -7.53 -5.24
N SER A 34 2.95 -7.36 -4.22
CA SER A 34 1.57 -7.84 -4.26
C SER A 34 0.88 -7.41 -5.55
N HIS A 35 1.42 -6.37 -6.18
CA HIS A 35 0.86 -5.85 -7.43
C HIS A 35 1.67 -6.34 -8.63
N GLU A 36 2.96 -6.60 -8.41
CA GLU A 36 3.83 -7.08 -9.46
C GLU A 36 3.57 -8.54 -9.78
N ARG A 37 3.24 -9.32 -8.75
CA ARG A 37 2.95 -10.74 -8.93
C ARG A 37 1.47 -11.02 -8.69
N THR A 38 0.73 -11.26 -9.77
CA THR A 38 -0.70 -11.55 -9.68
C THR A 38 -1.17 -12.32 -10.90
N ASP A 39 -2.11 -13.24 -10.67
CA ASP A 39 -2.66 -14.05 -11.75
C ASP A 39 -4.18 -13.93 -11.81
N PRO A 40 -4.74 -14.10 -13.01
CA PRO A 40 -6.19 -14.02 -13.23
C PRO A 40 -6.94 -15.18 -12.59
N SER A 41 -7.97 -14.87 -11.81
CA SER A 41 -8.77 -15.89 -11.14
C SER A 41 -9.99 -16.25 -11.97
N GLY A 42 -10.27 -17.54 -12.07
CA GLY A 42 -11.40 -18.01 -12.85
C GLY A 42 -12.71 -17.44 -12.34
N PRO A 43 -13.74 -17.46 -13.19
CA PRO A 43 -15.07 -16.95 -12.85
C PRO A 43 -15.78 -17.83 -11.83
N SER A 44 -15.54 -17.56 -10.55
CA SER A 44 -16.16 -18.34 -9.48
C SER A 44 -16.76 -17.43 -8.42
N SER A 45 -17.96 -16.91 -8.70
CA SER A 45 -18.64 -16.01 -7.77
C SER A 45 -20.05 -15.72 -8.26
N GLY A 46 -21.04 -16.10 -7.44
CA GLY A 46 -22.43 -15.86 -7.79
C GLY A 46 -23.15 -15.01 -6.78
ZN ZN B . -0.04 -1.33 -2.55
N GLY A 1 -22.79 -0.20 16.94
CA GLY A 1 -22.22 -0.88 15.80
C GLY A 1 -20.75 -0.57 15.61
N SER A 2 -20.42 0.06 14.49
CA SER A 2 -19.04 0.42 14.19
C SER A 2 -18.77 1.88 14.53
N SER A 3 -18.14 2.10 15.69
CA SER A 3 -17.83 3.45 16.13
C SER A 3 -16.31 3.64 16.25
N GLY A 4 -15.58 3.13 15.27
CA GLY A 4 -14.14 3.27 15.27
C GLY A 4 -13.66 4.57 14.66
N SER A 5 -13.16 5.46 15.50
CA SER A 5 -12.67 6.76 15.03
C SER A 5 -11.51 6.58 14.07
N SER A 6 -11.02 7.70 13.53
CA SER A 6 -9.91 7.68 12.59
C SER A 6 -8.70 8.45 13.13
N GLY A 7 -7.55 7.80 13.13
CA GLY A 7 -6.35 8.45 13.63
C GLY A 7 -5.43 8.92 12.50
N THR A 8 -5.17 10.22 12.48
CA THR A 8 -4.31 10.80 11.45
C THR A 8 -2.84 10.62 11.79
N GLY A 9 -1.97 10.85 10.82
CA GLY A 9 -0.54 10.72 11.04
C GLY A 9 0.27 11.00 9.80
N GLU A 10 1.59 11.01 9.95
CA GLU A 10 2.49 11.26 8.81
C GLU A 10 3.21 9.99 8.39
N LYS A 11 3.50 9.89 7.10
CA LYS A 11 4.20 8.72 6.56
C LYS A 11 5.14 9.12 5.44
N PRO A 12 6.44 8.79 5.60
CA PRO A 12 7.46 9.11 4.61
C PRO A 12 7.32 8.27 3.34
N PHE A 13 7.08 6.98 3.51
CA PHE A 13 6.92 6.07 2.37
C PHE A 13 5.45 5.74 2.15
N GLN A 14 5.10 5.46 0.91
CA GLN A 14 3.72 5.11 0.56
C GLN A 14 3.67 4.22 -0.67
N CYS A 15 2.55 3.53 -0.86
CA CYS A 15 2.38 2.64 -2.00
C CYS A 15 1.71 3.37 -3.16
N LYS A 16 2.45 3.58 -4.23
CA LYS A 16 1.91 4.26 -5.42
C LYS A 16 0.92 3.37 -6.16
N GLU A 17 0.68 2.18 -5.61
CA GLU A 17 -0.26 1.24 -6.22
C GLU A 17 -1.64 1.37 -5.59
N CYS A 18 -1.69 1.28 -4.28
CA CYS A 18 -2.95 1.38 -3.54
C CYS A 18 -2.93 2.57 -2.59
N GLY A 19 -1.73 3.00 -2.21
CA GLY A 19 -1.60 4.12 -1.30
C GLY A 19 -1.20 3.69 0.10
N MET A 20 -0.91 2.40 0.26
CA MET A 20 -0.52 1.86 1.56
C MET A 20 0.73 2.56 2.07
N ASN A 21 0.70 2.97 3.33
CA ASN A 21 1.82 3.67 3.95
C ASN A 21 2.70 2.69 4.73
N PHE A 22 4.00 2.95 4.75
CA PHE A 22 4.94 2.09 5.46
C PHE A 22 6.01 2.92 6.17
N SER A 23 6.13 2.73 7.48
CA SER A 23 7.10 3.46 8.27
C SER A 23 8.51 3.27 7.71
N TRP A 24 8.84 2.03 7.38
CA TRP A 24 10.15 1.70 6.84
C TRP A 24 10.21 1.99 5.35
N SER A 25 11.34 1.65 4.72
CA SER A 25 11.52 1.88 3.28
C SER A 25 11.45 0.57 2.52
N CYS A 26 12.03 -0.48 3.09
CA CYS A 26 12.04 -1.80 2.46
C CYS A 26 10.69 -2.48 2.62
N SER A 27 10.21 -2.56 3.87
CA SER A 27 8.94 -3.21 4.15
C SER A 27 7.93 -2.96 3.02
N LEU A 28 7.90 -1.73 2.53
CA LEU A 28 6.99 -1.37 1.45
C LEU A 28 7.18 -2.29 0.25
N PHE A 29 8.43 -2.49 -0.15
CA PHE A 29 8.75 -3.34 -1.29
C PHE A 29 8.07 -4.70 -1.15
N LYS A 30 8.14 -5.27 0.04
CA LYS A 30 7.53 -6.58 0.32
C LYS A 30 6.04 -6.55 0.00
N HIS A 31 5.45 -5.37 0.09
CA HIS A 31 4.02 -5.22 -0.20
C HIS A 31 3.79 -4.88 -1.66
N LEU A 32 4.64 -4.02 -2.21
CA LEU A 32 4.54 -3.61 -3.60
C LEU A 32 4.41 -4.83 -4.52
N ARG A 33 5.12 -5.90 -4.18
CA ARG A 33 5.09 -7.12 -4.97
C ARG A 33 3.65 -7.56 -5.22
N SER A 34 2.77 -7.29 -4.26
CA SER A 34 1.37 -7.66 -4.38
C SER A 34 0.79 -7.17 -5.71
N HIS A 35 1.45 -6.19 -6.30
CA HIS A 35 1.00 -5.63 -7.58
C HIS A 35 1.85 -6.14 -8.73
N GLU A 36 3.10 -6.46 -8.43
CA GLU A 36 4.03 -6.97 -9.45
C GLU A 36 3.61 -8.35 -9.92
N ARG A 37 2.99 -9.12 -9.03
CA ARG A 37 2.53 -10.46 -9.35
C ARG A 37 1.04 -10.49 -9.60
N THR A 38 0.65 -10.39 -10.87
CA THR A 38 -0.76 -10.40 -11.26
C THR A 38 -1.19 -11.78 -11.73
N ASP A 39 -2.43 -12.15 -11.41
CA ASP A 39 -2.97 -13.45 -11.80
C ASP A 39 -4.06 -13.29 -12.86
N PRO A 40 -4.07 -14.20 -13.84
CA PRO A 40 -5.06 -14.17 -14.93
C PRO A 40 -6.46 -14.53 -14.44
N SER A 41 -7.33 -13.53 -14.36
CA SER A 41 -8.69 -13.74 -13.90
C SER A 41 -9.58 -12.54 -14.25
N GLY A 42 -10.89 -12.71 -14.14
CA GLY A 42 -11.81 -11.64 -14.45
C GLY A 42 -12.19 -10.82 -13.22
N PRO A 43 -12.74 -9.62 -13.45
CA PRO A 43 -13.15 -8.72 -12.37
C PRO A 43 -14.37 -9.24 -11.62
N SER A 44 -14.43 -8.95 -10.33
CA SER A 44 -15.54 -9.40 -9.49
C SER A 44 -16.76 -8.50 -9.69
N SER A 45 -17.52 -8.79 -10.75
CA SER A 45 -18.71 -8.01 -11.07
C SER A 45 -18.49 -6.52 -10.77
N GLY A 46 -17.33 -6.03 -11.16
CA GLY A 46 -17.01 -4.63 -10.93
C GLY A 46 -18.18 -3.71 -11.21
ZN ZN B . -0.03 -1.36 -2.55
N GLY A 1 -18.45 19.22 8.11
CA GLY A 1 -18.02 17.93 7.61
C GLY A 1 -17.82 16.91 8.72
N SER A 2 -16.56 16.74 9.12
CA SER A 2 -16.23 15.80 10.19
C SER A 2 -15.86 16.53 11.47
N SER A 3 -16.63 16.26 12.53
CA SER A 3 -16.39 16.90 13.82
C SER A 3 -15.85 15.89 14.83
N GLY A 4 -14.54 15.65 14.77
CA GLY A 4 -13.93 14.70 15.68
C GLY A 4 -12.64 14.12 15.13
N SER A 5 -11.60 14.94 15.02
CA SER A 5 -10.31 14.49 14.50
C SER A 5 -9.17 15.07 15.31
N SER A 6 -8.21 14.22 15.67
CA SER A 6 -7.06 14.64 16.45
C SER A 6 -5.94 13.62 16.37
N GLY A 7 -4.69 14.09 16.42
CA GLY A 7 -3.55 13.20 16.35
C GLY A 7 -2.68 13.48 15.14
N THR A 8 -1.94 12.47 14.71
CA THR A 8 -1.05 12.61 13.56
C THR A 8 -1.19 11.41 12.62
N GLY A 9 -1.17 11.69 11.31
CA GLY A 9 -1.29 10.62 10.33
C GLY A 9 -0.41 10.85 9.12
N GLU A 10 0.90 10.85 9.35
CA GLU A 10 1.86 11.06 8.27
C GLU A 10 2.76 9.84 8.09
N LYS A 11 3.25 9.65 6.87
CA LYS A 11 4.12 8.52 6.56
C LYS A 11 5.19 8.92 5.56
N PRO A 12 6.43 8.46 5.79
CA PRO A 12 7.56 8.75 4.92
C PRO A 12 7.46 8.05 3.57
N PHE A 13 7.11 6.76 3.60
CA PHE A 13 6.98 5.98 2.38
C PHE A 13 5.51 5.60 2.14
N GLN A 14 5.09 5.66 0.89
CA GLN A 14 3.71 5.33 0.52
C GLN A 14 3.68 4.47 -0.73
N CYS A 15 2.62 3.67 -0.86
CA CYS A 15 2.47 2.80 -2.02
C CYS A 15 1.85 3.55 -3.19
N LYS A 16 2.41 3.34 -4.39
CA LYS A 16 1.91 4.00 -5.58
C LYS A 16 0.89 3.12 -6.30
N GLU A 17 0.53 2.00 -5.68
CA GLU A 17 -0.44 1.08 -6.25
C GLU A 17 -1.81 1.23 -5.59
N CYS A 18 -1.82 1.13 -4.27
CA CYS A 18 -3.06 1.25 -3.51
C CYS A 18 -3.00 2.43 -2.54
N GLY A 19 -1.77 2.82 -2.19
CA GLY A 19 -1.59 3.93 -1.27
C GLY A 19 -1.05 3.48 0.07
N MET A 20 -0.96 2.18 0.27
CA MET A 20 -0.45 1.62 1.52
C MET A 20 0.85 2.29 1.93
N ASN A 21 0.90 2.76 3.18
CA ASN A 21 2.09 3.42 3.69
C ASN A 21 2.85 2.52 4.65
N PHE A 22 4.16 2.70 4.71
CA PHE A 22 5.01 1.90 5.59
C PHE A 22 6.08 2.76 6.26
N SER A 23 6.48 2.38 7.46
CA SER A 23 7.48 3.12 8.21
C SER A 23 8.89 2.77 7.71
N TRP A 24 9.03 1.58 7.16
CA TRP A 24 10.32 1.13 6.63
C TRP A 24 10.31 1.12 5.11
N SER A 25 11.36 1.67 4.52
CA SER A 25 11.49 1.72 3.06
C SER A 25 11.33 0.33 2.46
N CYS A 26 12.12 -0.62 2.94
CA CYS A 26 12.07 -1.99 2.44
C CYS A 26 10.67 -2.58 2.61
N SER A 27 10.15 -2.51 3.82
CA SER A 27 8.81 -3.04 4.11
C SER A 27 7.89 -2.83 2.92
N LEU A 28 7.62 -1.57 2.60
CA LEU A 28 6.75 -1.24 1.48
C LEU A 28 6.99 -2.16 0.30
N PHE A 29 8.26 -2.32 -0.08
CA PHE A 29 8.63 -3.18 -1.20
C PHE A 29 7.96 -4.55 -1.07
N LYS A 30 8.09 -5.15 0.11
CA LYS A 30 7.51 -6.47 0.36
C LYS A 30 6.02 -6.46 0.04
N HIS A 31 5.41 -5.28 0.06
CA HIS A 31 4.00 -5.14 -0.23
C HIS A 31 3.76 -4.81 -1.71
N LEU A 32 4.61 -3.94 -2.24
CA LEU A 32 4.50 -3.53 -3.64
C LEU A 32 4.44 -4.76 -4.55
N ARG A 33 5.10 -5.84 -4.14
CA ARG A 33 5.11 -7.06 -4.92
C ARG A 33 3.70 -7.54 -5.22
N SER A 34 2.83 -7.42 -4.23
CA SER A 34 1.43 -7.84 -4.38
C SER A 34 0.84 -7.33 -5.69
N HIS A 35 1.47 -6.29 -6.24
CA HIS A 35 1.01 -5.70 -7.50
C HIS A 35 1.87 -6.18 -8.67
N GLU A 36 3.13 -6.48 -8.39
CA GLU A 36 4.04 -6.95 -9.42
C GLU A 36 3.66 -8.35 -9.91
N ARG A 37 3.03 -9.12 -9.03
CA ARG A 37 2.60 -10.47 -9.37
C ARG A 37 1.09 -10.59 -9.29
N THR A 38 0.46 -10.86 -10.44
CA THR A 38 -0.99 -11.01 -10.49
C THR A 38 -1.40 -12.02 -11.56
N ASP A 39 -2.09 -13.08 -11.14
CA ASP A 39 -2.53 -14.11 -12.06
C ASP A 39 -3.44 -13.53 -13.14
N PRO A 40 -4.54 -12.89 -12.71
CA PRO A 40 -5.50 -12.27 -13.63
C PRO A 40 -4.94 -11.04 -14.33
N SER A 41 -5.65 -10.57 -15.34
CA SER A 41 -5.21 -9.39 -16.10
C SER A 41 -6.06 -8.17 -15.74
N GLY A 42 -5.40 -7.06 -15.45
CA GLY A 42 -6.11 -5.84 -15.11
C GLY A 42 -6.36 -4.95 -16.31
N PRO A 43 -6.94 -3.77 -16.06
CA PRO A 43 -7.24 -2.80 -17.12
C PRO A 43 -5.99 -2.17 -17.71
N SER A 44 -4.84 -2.53 -17.15
CA SER A 44 -3.57 -1.99 -17.62
C SER A 44 -3.15 -2.64 -18.94
N SER A 45 -3.64 -2.09 -20.04
CA SER A 45 -3.34 -2.63 -21.36
C SER A 45 -2.17 -1.87 -21.99
N GLY A 46 -0.98 -2.48 -21.95
CA GLY A 46 0.19 -1.84 -22.52
C GLY A 46 0.90 -2.74 -23.52
ZN ZN B . -0.07 -1.29 -2.56
N GLY A 1 -17.72 3.59 22.46
CA GLY A 1 -17.88 4.20 21.15
C GLY A 1 -17.08 5.47 21.00
N SER A 2 -16.02 5.41 20.19
CA SER A 2 -15.16 6.57 19.97
C SER A 2 -14.44 6.45 18.63
N SER A 3 -14.05 7.60 18.08
CA SER A 3 -13.35 7.64 16.80
C SER A 3 -11.86 7.92 17.00
N GLY A 4 -11.10 7.85 15.91
CA GLY A 4 -9.67 8.11 15.98
C GLY A 4 -9.24 9.18 15.00
N SER A 5 -8.97 10.38 15.52
CA SER A 5 -8.54 11.49 14.68
C SER A 5 -7.02 11.55 14.60
N SER A 6 -6.46 10.88 13.59
CA SER A 6 -5.01 10.84 13.41
C SER A 6 -4.45 12.26 13.33
N GLY A 7 -3.63 12.62 14.32
CA GLY A 7 -3.04 13.94 14.35
C GLY A 7 -1.63 13.95 13.80
N THR A 8 -0.65 13.76 14.69
CA THR A 8 0.76 13.75 14.28
C THR A 8 1.22 12.34 13.95
N GLY A 9 2.17 12.24 13.03
CA GLY A 9 2.69 10.94 12.64
C GLY A 9 2.57 10.69 11.15
N GLU A 10 3.22 11.54 10.36
CA GLU A 10 3.18 11.41 8.91
C GLU A 10 3.94 10.17 8.45
N LYS A 11 3.71 9.77 7.21
CA LYS A 11 4.38 8.59 6.64
C LYS A 11 5.42 9.00 5.60
N PRO A 12 6.65 8.52 5.78
CA PRO A 12 7.76 8.82 4.88
C PRO A 12 7.59 8.15 3.51
N PHE A 13 7.21 6.88 3.53
CA PHE A 13 7.02 6.12 2.30
C PHE A 13 5.54 5.76 2.11
N GLN A 14 5.14 5.54 0.87
CA GLN A 14 3.77 5.18 0.55
C GLN A 14 3.70 4.30 -0.69
N CYS A 15 2.59 3.58 -0.83
CA CYS A 15 2.40 2.70 -1.98
C CYS A 15 1.80 3.45 -3.16
N LYS A 16 2.31 3.18 -4.36
CA LYS A 16 1.82 3.83 -5.57
C LYS A 16 0.79 2.95 -6.28
N GLU A 17 0.44 1.84 -5.66
CA GLU A 17 -0.53 0.92 -6.23
C GLU A 17 -1.90 1.08 -5.57
N CYS A 18 -1.93 0.98 -4.25
CA CYS A 18 -3.17 1.12 -3.50
C CYS A 18 -3.11 2.33 -2.56
N GLY A 19 -1.89 2.74 -2.22
CA GLY A 19 -1.72 3.87 -1.34
C GLY A 19 -1.28 3.47 0.05
N MET A 20 -0.99 2.19 0.22
CA MET A 20 -0.55 1.67 1.52
C MET A 20 0.69 2.40 2.01
N ASN A 21 0.66 2.87 3.24
CA ASN A 21 1.78 3.59 3.82
C ASN A 21 2.64 2.66 4.69
N PHE A 22 3.94 2.92 4.70
CA PHE A 22 4.87 2.10 5.49
C PHE A 22 5.90 2.97 6.19
N SER A 23 6.25 2.60 7.42
CA SER A 23 7.23 3.36 8.19
C SER A 23 8.63 3.21 7.60
N TRP A 24 9.00 1.98 7.27
CA TRP A 24 10.31 1.70 6.70
C TRP A 24 10.31 1.95 5.20
N SER A 25 11.43 1.67 4.55
CA SER A 25 11.56 1.86 3.10
C SER A 25 11.49 0.53 2.37
N CYS A 26 12.07 -0.51 2.97
CA CYS A 26 12.07 -1.84 2.37
C CYS A 26 10.72 -2.53 2.56
N SER A 27 10.27 -2.60 3.81
CA SER A 27 8.99 -3.22 4.13
C SER A 27 7.98 -2.99 3.01
N LEU A 28 7.90 -1.75 2.55
CA LEU A 28 6.96 -1.39 1.48
C LEU A 28 7.12 -2.32 0.28
N PHE A 29 8.36 -2.50 -0.17
CA PHE A 29 8.65 -3.37 -1.31
C PHE A 29 7.96 -4.72 -1.14
N LYS A 30 8.07 -5.29 0.06
CA LYS A 30 7.46 -6.58 0.36
C LYS A 30 5.98 -6.58 0.02
N HIS A 31 5.36 -5.39 0.12
CA HIS A 31 3.94 -5.25 -0.17
C HIS A 31 3.71 -4.90 -1.64
N LEU A 32 4.54 -3.99 -2.16
CA LEU A 32 4.44 -3.57 -3.54
C LEU A 32 4.39 -4.77 -4.48
N ARG A 33 5.16 -5.79 -4.16
CA ARG A 33 5.20 -7.01 -4.98
C ARG A 33 3.79 -7.54 -5.22
N SER A 34 2.91 -7.34 -4.24
CA SER A 34 1.53 -7.81 -4.35
C SER A 34 0.89 -7.30 -5.63
N HIS A 35 1.47 -6.26 -6.22
CA HIS A 35 0.95 -5.69 -7.46
C HIS A 35 1.82 -6.10 -8.65
N GLU A 36 3.10 -6.36 -8.39
CA GLU A 36 4.02 -6.76 -9.45
C GLU A 36 3.69 -8.16 -9.95
N ARG A 37 3.21 -9.02 -9.05
CA ARG A 37 2.86 -10.39 -9.40
C ARG A 37 1.46 -10.46 -10.00
N THR A 38 0.50 -9.84 -9.32
CA THR A 38 -0.89 -9.84 -9.78
C THR A 38 -0.98 -9.26 -11.19
N ASP A 39 -1.99 -9.72 -11.94
CA ASP A 39 -2.20 -9.25 -13.30
C ASP A 39 -3.13 -8.05 -13.33
N PRO A 40 -2.76 -7.03 -14.12
CA PRO A 40 -3.55 -5.80 -14.26
C PRO A 40 -4.87 -6.04 -14.99
N SER A 41 -5.59 -4.95 -15.26
CA SER A 41 -6.87 -5.04 -15.96
C SER A 41 -7.41 -3.65 -16.26
N GLY A 42 -7.65 -3.38 -17.55
CA GLY A 42 -8.16 -2.09 -17.95
C GLY A 42 -9.66 -1.98 -17.77
N PRO A 43 -10.21 -0.78 -17.99
CA PRO A 43 -11.64 -0.51 -17.85
C PRO A 43 -12.47 -1.20 -18.94
N SER A 44 -12.00 -1.09 -20.18
CA SER A 44 -12.69 -1.69 -21.31
C SER A 44 -14.21 -1.63 -21.12
N SER A 45 -14.69 -0.49 -20.64
CA SER A 45 -16.12 -0.29 -20.41
C SER A 45 -16.94 -0.98 -21.50
N GLY A 46 -17.75 -1.95 -21.07
CA GLY A 46 -18.58 -2.68 -22.01
C GLY A 46 -19.79 -1.88 -22.47
ZN ZN B . -0.18 -1.37 -2.51
N GLY A 1 6.69 -1.81 21.65
CA GLY A 1 5.30 -2.20 21.74
C GLY A 1 4.63 -2.30 20.39
N SER A 2 4.26 -3.52 20.00
CA SER A 2 3.61 -3.74 18.71
C SER A 2 2.19 -3.19 18.71
N SER A 3 1.41 -3.56 19.73
CA SER A 3 0.03 -3.11 19.85
C SER A 3 -0.02 -1.70 20.43
N GLY A 4 -1.09 -0.99 20.10
CA GLY A 4 -1.26 0.37 20.59
C GLY A 4 -0.67 1.41 19.66
N SER A 5 0.36 2.10 20.12
CA SER A 5 1.01 3.14 19.31
C SER A 5 2.41 3.43 19.84
N SER A 6 3.38 3.46 18.94
CA SER A 6 4.76 3.74 19.31
C SER A 6 5.29 4.99 18.60
N GLY A 7 4.45 6.02 18.55
CA GLY A 7 4.83 7.25 17.90
C GLY A 7 3.67 7.94 17.21
N THR A 8 3.81 9.24 16.97
CA THR A 8 2.76 10.01 16.31
C THR A 8 3.35 11.03 15.33
N GLY A 9 3.14 10.80 14.05
CA GLY A 9 3.65 11.70 13.03
C GLY A 9 3.07 11.43 11.67
N GLU A 10 3.93 11.16 10.70
CA GLU A 10 3.48 10.89 9.33
C GLU A 10 4.29 9.76 8.71
N LYS A 11 3.78 9.21 7.61
CA LYS A 11 4.46 8.12 6.92
C LYS A 11 5.38 8.66 5.84
N PRO A 12 6.68 8.33 5.96
CA PRO A 12 7.70 8.78 5.00
C PRO A 12 7.55 8.08 3.64
N PHE A 13 7.23 6.79 3.68
CA PHE A 13 7.06 6.02 2.44
C PHE A 13 5.59 5.67 2.23
N GLN A 14 5.21 5.51 0.96
CA GLN A 14 3.83 5.18 0.62
C GLN A 14 3.79 4.27 -0.61
N CYS A 15 2.65 3.62 -0.81
CA CYS A 15 2.47 2.73 -1.95
C CYS A 15 1.86 3.46 -3.14
N LYS A 16 2.64 3.58 -4.21
CA LYS A 16 2.16 4.26 -5.42
C LYS A 16 1.18 3.39 -6.18
N GLU A 17 0.89 2.22 -5.64
CA GLU A 17 -0.05 1.30 -6.28
C GLU A 17 -1.46 1.47 -5.72
N CYS A 18 -1.57 1.43 -4.40
CA CYS A 18 -2.86 1.59 -3.74
C CYS A 18 -2.83 2.73 -2.74
N GLY A 19 -1.63 3.12 -2.32
CA GLY A 19 -1.48 4.21 -1.37
C GLY A 19 -1.07 3.73 0.00
N MET A 20 -0.92 2.42 0.15
CA MET A 20 -0.53 1.83 1.43
C MET A 20 0.73 2.51 1.97
N ASN A 21 0.68 2.90 3.24
CA ASN A 21 1.82 3.55 3.88
C ASN A 21 2.65 2.55 4.67
N PHE A 22 3.95 2.81 4.76
CA PHE A 22 4.86 1.93 5.50
C PHE A 22 5.93 2.74 6.21
N SER A 23 6.06 2.51 7.51
CA SER A 23 7.04 3.22 8.32
C SER A 23 8.45 3.02 7.76
N TRP A 24 8.80 1.77 7.49
CA TRP A 24 10.12 1.45 6.95
C TRP A 24 10.14 1.61 5.44
N SER A 25 11.33 1.56 4.86
CA SER A 25 11.49 1.71 3.41
C SER A 25 11.29 0.37 2.70
N CYS A 26 12.14 -0.60 3.03
CA CYS A 26 12.06 -1.92 2.43
C CYS A 26 10.67 -2.52 2.60
N SER A 27 10.15 -2.46 3.82
CA SER A 27 8.82 -2.99 4.12
C SER A 27 7.88 -2.80 2.94
N LEU A 28 7.75 -1.55 2.50
CA LEU A 28 6.88 -1.21 1.39
C LEU A 28 7.10 -2.18 0.22
N PHE A 29 8.36 -2.35 -0.17
CA PHE A 29 8.69 -3.25 -1.27
C PHE A 29 8.02 -4.61 -1.10
N LYS A 30 8.10 -5.15 0.10
CA LYS A 30 7.49 -6.45 0.40
C LYS A 30 6.01 -6.45 0.04
N HIS A 31 5.40 -5.27 0.07
CA HIS A 31 3.98 -5.13 -0.26
C HIS A 31 3.80 -4.81 -1.74
N LEU A 32 4.67 -3.98 -2.27
CA LEU A 32 4.60 -3.59 -3.68
C LEU A 32 4.49 -4.82 -4.57
N ARG A 33 5.21 -5.88 -4.22
CA ARG A 33 5.18 -7.11 -4.99
C ARG A 33 3.75 -7.59 -5.21
N SER A 34 2.89 -7.32 -4.23
CA SER A 34 1.49 -7.72 -4.31
C SER A 34 0.86 -7.19 -5.60
N HIS A 35 1.53 -6.25 -6.25
CA HIS A 35 1.03 -5.66 -7.49
C HIS A 35 1.77 -6.23 -8.69
N GLU A 36 3.04 -6.57 -8.50
CA GLU A 36 3.87 -7.12 -9.56
C GLU A 36 3.40 -8.53 -9.94
N ARG A 37 2.69 -9.17 -9.02
CA ARG A 37 2.19 -10.53 -9.26
C ARG A 37 0.71 -10.63 -8.88
N THR A 38 0.01 -11.54 -9.54
CA THR A 38 -1.41 -11.74 -9.28
C THR A 38 -1.82 -13.20 -9.50
N ASP A 39 -2.54 -13.76 -8.54
CA ASP A 39 -2.99 -15.14 -8.64
C ASP A 39 -4.29 -15.24 -9.41
N PRO A 40 -4.53 -16.40 -10.05
CA PRO A 40 -5.74 -16.64 -10.84
C PRO A 40 -6.98 -16.77 -9.97
N SER A 41 -6.79 -16.69 -8.66
CA SER A 41 -7.90 -16.81 -7.72
C SER A 41 -7.92 -15.61 -6.78
N GLY A 42 -9.09 -15.35 -6.18
CA GLY A 42 -9.23 -14.24 -5.26
C GLY A 42 -8.42 -14.43 -4.00
N PRO A 43 -8.20 -13.33 -3.26
CA PRO A 43 -7.44 -13.35 -2.01
C PRO A 43 -8.18 -14.07 -0.89
N SER A 44 -7.62 -15.19 -0.44
CA SER A 44 -8.24 -15.97 0.63
C SER A 44 -8.78 -15.06 1.72
N SER A 45 -9.76 -15.56 2.46
CA SER A 45 -10.38 -14.80 3.55
C SER A 45 -9.47 -14.75 4.77
N GLY A 46 -9.13 -13.54 5.20
CA GLY A 46 -8.26 -13.38 6.34
C GLY A 46 -7.76 -11.95 6.50
ZN ZN B . -0.10 -1.23 -2.58
N GLY A 1 -13.89 13.27 13.49
CA GLY A 1 -14.65 12.24 12.82
C GLY A 1 -13.76 11.28 12.06
N SER A 2 -12.63 10.91 12.65
CA SER A 2 -11.69 9.99 12.01
C SER A 2 -12.15 8.55 12.15
N SER A 3 -12.41 7.90 11.03
CA SER A 3 -12.86 6.51 11.02
C SER A 3 -12.44 5.80 9.73
N GLY A 4 -12.64 4.49 9.70
CA GLY A 4 -12.29 3.72 8.53
C GLY A 4 -10.89 4.05 8.02
N SER A 5 -9.94 4.16 8.94
CA SER A 5 -8.57 4.48 8.59
C SER A 5 -7.59 3.66 9.43
N SER A 6 -6.46 3.32 8.84
CA SER A 6 -5.43 2.54 9.53
C SER A 6 -4.94 3.27 10.78
N GLY A 7 -4.69 4.57 10.63
CA GLY A 7 -4.22 5.37 11.74
C GLY A 7 -3.83 6.77 11.34
N THR A 8 -4.26 7.76 12.12
CA THR A 8 -3.95 9.15 11.83
C THR A 8 -2.46 9.40 11.86
N GLY A 9 -2.04 10.55 11.31
CA GLY A 9 -0.64 10.89 11.30
C GLY A 9 -0.08 11.05 9.89
N GLU A 10 1.17 10.67 9.70
CA GLU A 10 1.80 10.77 8.39
C GLU A 10 2.86 9.68 8.21
N LYS A 11 3.28 9.48 6.97
CA LYS A 11 4.28 8.46 6.66
C LYS A 11 5.18 8.92 5.52
N PRO A 12 6.49 8.62 5.64
CA PRO A 12 7.47 9.00 4.63
C PRO A 12 7.31 8.19 3.34
N PHE A 13 7.23 6.88 3.47
CA PHE A 13 7.06 6.00 2.31
C PHE A 13 5.61 5.63 2.11
N GLN A 14 5.19 5.55 0.84
CA GLN A 14 3.81 5.21 0.51
C GLN A 14 3.75 4.33 -0.73
N CYS A 15 2.71 3.52 -0.82
CA CYS A 15 2.53 2.63 -1.97
C CYS A 15 1.94 3.37 -3.16
N LYS A 16 2.54 3.16 -4.33
CA LYS A 16 2.07 3.81 -5.55
C LYS A 16 1.07 2.92 -6.28
N GLU A 17 0.67 1.82 -5.64
CA GLU A 17 -0.28 0.90 -6.23
C GLU A 17 -1.66 1.06 -5.61
N CYS A 18 -1.70 1.07 -4.28
CA CYS A 18 -2.96 1.22 -3.55
C CYS A 18 -2.89 2.39 -2.59
N GLY A 19 -1.68 2.78 -2.21
CA GLY A 19 -1.50 3.89 -1.30
C GLY A 19 -0.99 3.44 0.07
N MET A 20 -0.93 2.13 0.27
CA MET A 20 -0.47 1.58 1.54
C MET A 20 0.84 2.24 1.97
N ASN A 21 0.88 2.70 3.22
CA ASN A 21 2.07 3.35 3.75
C ASN A 21 2.89 2.38 4.60
N PHE A 22 4.16 2.71 4.81
CA PHE A 22 5.06 1.88 5.59
C PHE A 22 6.19 2.70 6.21
N SER A 23 6.19 2.79 7.54
CA SER A 23 7.21 3.55 8.24
C SER A 23 8.59 3.29 7.66
N TRP A 24 8.84 2.03 7.29
CA TRP A 24 10.13 1.64 6.72
C TRP A 24 10.10 1.76 5.20
N SER A 25 11.27 1.65 4.58
CA SER A 25 11.39 1.75 3.13
C SER A 25 11.23 0.37 2.48
N CYS A 26 12.00 -0.60 2.97
CA CYS A 26 11.94 -1.96 2.43
C CYS A 26 10.55 -2.57 2.64
N SER A 27 10.07 -2.50 3.88
CA SER A 27 8.75 -3.05 4.20
C SER A 27 7.77 -2.85 3.05
N LEU A 28 7.61 -1.60 2.65
CA LEU A 28 6.70 -1.27 1.55
C LEU A 28 6.95 -2.16 0.34
N PHE A 29 8.22 -2.26 -0.06
CA PHE A 29 8.60 -3.09 -1.20
C PHE A 29 7.95 -4.46 -1.12
N LYS A 30 8.09 -5.11 0.03
CA LYS A 30 7.51 -6.43 0.24
C LYS A 30 6.02 -6.43 -0.06
N HIS A 31 5.40 -5.27 0.07
CA HIS A 31 3.97 -5.13 -0.20
C HIS A 31 3.72 -4.77 -1.66
N LEU A 32 4.57 -3.92 -2.21
CA LEU A 32 4.44 -3.49 -3.59
C LEU A 32 4.37 -4.69 -4.53
N ARG A 33 5.16 -5.71 -4.24
CA ARG A 33 5.17 -6.93 -5.05
C ARG A 33 3.76 -7.46 -5.27
N SER A 34 2.94 -7.35 -4.24
CA SER A 34 1.55 -7.82 -4.31
C SER A 34 0.91 -7.41 -5.63
N HIS A 35 1.45 -6.36 -6.24
CA HIS A 35 0.93 -5.85 -7.51
C HIS A 35 1.81 -6.31 -8.68
N GLU A 36 3.08 -6.51 -8.40
CA GLU A 36 4.03 -6.95 -9.43
C GLU A 36 3.70 -8.36 -9.91
N ARG A 37 3.09 -9.14 -9.03
CA ARG A 37 2.71 -10.52 -9.36
C ARG A 37 1.27 -10.58 -9.85
N THR A 38 1.01 -11.51 -10.78
CA THR A 38 -0.33 -11.68 -11.32
C THR A 38 -0.66 -13.14 -11.53
N ASP A 39 -1.64 -13.63 -10.79
CA ASP A 39 -2.06 -15.03 -10.90
C ASP A 39 -2.63 -15.34 -12.28
N PRO A 40 -3.70 -14.62 -12.65
CA PRO A 40 -4.36 -14.80 -13.95
C PRO A 40 -3.51 -14.28 -15.10
N SER A 41 -2.95 -15.20 -15.88
CA SER A 41 -2.11 -14.85 -17.01
C SER A 41 -2.96 -14.38 -18.19
N GLY A 42 -3.19 -13.07 -18.25
CA GLY A 42 -3.98 -12.51 -19.33
C GLY A 42 -3.92 -10.99 -19.37
N PRO A 43 -4.36 -10.41 -20.49
CA PRO A 43 -4.36 -8.96 -20.69
C PRO A 43 -5.39 -8.25 -19.81
N SER A 44 -4.92 -7.58 -18.77
CA SER A 44 -5.79 -6.87 -17.85
C SER A 44 -5.48 -5.38 -17.84
N SER A 45 -6.22 -4.61 -18.63
CA SER A 45 -6.02 -3.18 -18.71
C SER A 45 -7.17 -2.43 -18.03
N GLY A 46 -6.91 -1.95 -16.82
CA GLY A 46 -7.92 -1.22 -16.09
C GLY A 46 -8.03 0.23 -16.52
ZN ZN B . -0.07 -1.47 -2.52
N GLY A 1 -13.45 4.37 13.97
CA GLY A 1 -14.13 4.26 15.24
C GLY A 1 -13.26 4.73 16.40
N SER A 2 -12.48 3.80 16.96
CA SER A 2 -11.61 4.12 18.09
C SER A 2 -10.84 5.42 17.83
N SER A 3 -10.79 6.27 18.84
CA SER A 3 -10.10 7.55 18.72
C SER A 3 -8.67 7.35 18.21
N GLY A 4 -8.24 8.23 17.32
CA GLY A 4 -6.91 8.14 16.75
C GLY A 4 -5.94 9.14 17.38
N SER A 5 -5.72 9.00 18.68
CA SER A 5 -4.82 9.89 19.40
C SER A 5 -3.41 9.33 19.44
N SER A 6 -3.28 8.09 19.91
CA SER A 6 -1.98 7.44 20.01
C SER A 6 -1.73 6.55 18.80
N GLY A 7 -0.57 6.73 18.17
CA GLY A 7 -0.22 5.95 17.00
C GLY A 7 1.20 5.43 17.05
N THR A 8 1.78 5.20 15.88
CA THR A 8 3.15 4.69 15.79
C THR A 8 4.09 5.78 15.27
N GLY A 9 3.53 6.81 14.65
CA GLY A 9 4.34 7.89 14.12
C GLY A 9 3.87 8.36 12.76
N GLU A 10 4.82 8.71 11.89
CA GLU A 10 4.49 9.18 10.55
C GLU A 10 4.82 8.11 9.50
N LYS A 11 4.49 8.40 8.25
CA LYS A 11 4.75 7.46 7.16
C LYS A 11 5.52 8.15 6.03
N PRO A 12 6.85 8.00 6.05
CA PRO A 12 7.72 8.60 5.03
C PRO A 12 7.56 7.92 3.67
N PHE A 13 7.28 6.62 3.68
CA PHE A 13 7.11 5.87 2.45
C PHE A 13 5.63 5.52 2.24
N GLN A 14 5.21 5.51 0.98
CA GLN A 14 3.82 5.19 0.64
C GLN A 14 3.76 4.33 -0.62
N CYS A 15 2.66 3.60 -0.78
CA CYS A 15 2.48 2.74 -1.95
C CYS A 15 1.87 3.52 -3.11
N LYS A 16 2.44 3.34 -4.29
CA LYS A 16 1.95 4.03 -5.49
C LYS A 16 0.96 3.15 -6.26
N GLU A 17 0.61 2.01 -5.67
CA GLU A 17 -0.33 1.09 -6.30
C GLU A 17 -1.72 1.20 -5.65
N CYS A 18 -1.76 1.18 -4.33
CA CYS A 18 -3.01 1.27 -3.60
C CYS A 18 -2.99 2.46 -2.64
N GLY A 19 -1.79 2.88 -2.27
CA GLY A 19 -1.65 4.01 -1.35
C GLY A 19 -1.26 3.57 0.05
N MET A 20 -0.95 2.28 0.20
CA MET A 20 -0.56 1.74 1.49
C MET A 20 0.67 2.46 2.03
N ASN A 21 0.60 2.90 3.28
CA ASN A 21 1.71 3.60 3.91
C ASN A 21 2.57 2.65 4.73
N PHE A 22 3.88 2.88 4.72
CA PHE A 22 4.80 2.03 5.46
C PHE A 22 5.85 2.88 6.18
N SER A 23 6.27 2.42 7.36
CA SER A 23 7.26 3.13 8.14
C SER A 23 8.66 2.95 7.56
N TRP A 24 9.04 1.70 7.32
CA TRP A 24 10.34 1.39 6.76
C TRP A 24 10.33 1.53 5.24
N SER A 25 11.52 1.46 4.64
CA SER A 25 11.65 1.59 3.20
C SER A 25 11.44 0.23 2.51
N CYS A 26 12.23 -0.75 2.92
CA CYS A 26 12.12 -2.09 2.34
C CYS A 26 10.74 -2.69 2.59
N SER A 27 10.19 -2.41 3.77
CA SER A 27 8.87 -2.92 4.13
C SER A 27 7.88 -2.75 2.99
N LEU A 28 7.82 -1.52 2.46
CA LEU A 28 6.91 -1.22 1.36
C LEU A 28 7.10 -2.19 0.21
N PHE A 29 8.35 -2.33 -0.24
CA PHE A 29 8.67 -3.23 -1.34
C PHE A 29 8.00 -4.59 -1.15
N LYS A 30 8.08 -5.11 0.07
CA LYS A 30 7.48 -6.41 0.39
C LYS A 30 6.00 -6.42 0.02
N HIS A 31 5.36 -5.26 0.10
CA HIS A 31 3.94 -5.14 -0.23
C HIS A 31 3.75 -4.84 -1.71
N LEU A 32 4.58 -3.94 -2.24
CA LEU A 32 4.50 -3.55 -3.64
C LEU A 32 4.42 -4.79 -4.54
N ARG A 33 5.17 -5.82 -4.18
CA ARG A 33 5.19 -7.06 -4.95
C ARG A 33 3.77 -7.58 -5.18
N SER A 34 2.89 -7.33 -4.21
CA SER A 34 1.51 -7.78 -4.31
C SER A 34 0.86 -7.26 -5.60
N HIS A 35 1.52 -6.30 -6.24
CA HIS A 35 1.01 -5.74 -7.48
C HIS A 35 1.81 -6.23 -8.68
N GLU A 36 3.10 -6.53 -8.44
CA GLU A 36 3.98 -7.01 -9.50
C GLU A 36 3.60 -8.43 -9.92
N ARG A 37 2.97 -9.16 -9.00
CA ARG A 37 2.56 -10.53 -9.27
C ARG A 37 1.39 -10.56 -10.26
N THR A 38 0.28 -9.95 -9.86
CA THR A 38 -0.91 -9.91 -10.70
C THR A 38 -0.56 -9.54 -12.13
N ASP A 39 -1.35 -10.03 -13.09
CA ASP A 39 -1.12 -9.74 -14.49
C ASP A 39 -2.36 -9.11 -15.13
N PRO A 40 -2.13 -8.18 -16.06
CA PRO A 40 -3.22 -7.48 -16.76
C PRO A 40 -3.97 -8.39 -17.72
N SER A 41 -5.06 -8.99 -17.24
CA SER A 41 -5.86 -9.89 -18.06
C SER A 41 -7.32 -9.43 -18.10
N GLY A 42 -8.10 -10.05 -18.98
CA GLY A 42 -9.51 -9.70 -19.09
C GLY A 42 -9.70 -8.35 -19.76
N PRO A 43 -10.97 -8.03 -20.08
CA PRO A 43 -11.32 -6.75 -20.71
C PRO A 43 -11.15 -5.57 -19.77
N SER A 44 -10.01 -4.89 -19.88
CA SER A 44 -9.73 -3.74 -19.04
C SER A 44 -8.90 -2.70 -19.78
N SER A 45 -9.30 -1.45 -19.69
CA SER A 45 -8.60 -0.35 -20.37
C SER A 45 -8.06 -0.82 -21.72
N GLY A 46 -8.88 -1.57 -22.44
CA GLY A 46 -8.46 -2.07 -23.74
C GLY A 46 -8.98 -1.20 -24.88
ZN ZN B . -0.07 -1.26 -2.61
N GLY A 1 -14.11 -3.76 19.57
CA GLY A 1 -13.81 -2.68 20.50
C GLY A 1 -14.82 -1.55 20.44
N SER A 2 -15.17 -1.01 21.59
CA SER A 2 -16.15 0.07 21.67
C SER A 2 -15.46 1.43 21.55
N SER A 3 -14.23 1.50 22.03
CA SER A 3 -13.46 2.74 21.98
C SER A 3 -12.02 2.52 22.46
N GLY A 4 -11.15 3.48 22.18
CA GLY A 4 -9.77 3.37 22.59
C GLY A 4 -8.94 4.57 22.17
N SER A 5 -7.73 4.32 21.68
CA SER A 5 -6.84 5.39 21.25
C SER A 5 -6.22 5.08 19.90
N SER A 6 -5.87 6.12 19.15
CA SER A 6 -5.27 5.95 17.84
C SER A 6 -4.03 6.83 17.70
N GLY A 7 -2.87 6.18 17.57
CA GLY A 7 -1.62 6.90 17.43
C GLY A 7 -0.66 6.23 16.46
N THR A 8 0.16 7.03 15.79
CA THR A 8 1.12 6.51 14.83
C THR A 8 2.13 7.58 14.43
N GLY A 9 3.29 7.14 13.94
CA GLY A 9 4.32 8.07 13.52
C GLY A 9 4.12 8.57 12.11
N GLU A 10 5.13 9.23 11.55
CA GLU A 10 5.05 9.76 10.21
C GLU A 10 5.30 8.65 9.17
N LYS A 11 4.60 8.73 8.05
CA LYS A 11 4.75 7.74 6.99
C LYS A 11 5.47 8.34 5.79
N PRO A 12 6.79 8.18 5.76
CA PRO A 12 7.63 8.70 4.66
C PRO A 12 7.42 7.93 3.36
N PHE A 13 7.24 6.63 3.47
CA PHE A 13 7.03 5.78 2.30
C PHE A 13 5.54 5.49 2.11
N GLN A 14 5.14 5.33 0.85
CA GLN A 14 3.74 5.04 0.54
C GLN A 14 3.64 4.17 -0.71
N CYS A 15 2.53 3.45 -0.83
CA CYS A 15 2.31 2.56 -1.97
C CYS A 15 1.62 3.32 -3.11
N LYS A 16 2.27 3.34 -4.26
CA LYS A 16 1.73 4.03 -5.43
C LYS A 16 0.72 3.14 -6.16
N GLU A 17 0.39 2.00 -5.56
CA GLU A 17 -0.57 1.08 -6.15
C GLU A 17 -1.93 1.19 -5.47
N CYS A 18 -1.94 1.06 -4.14
CA CYS A 18 -3.18 1.15 -3.38
C CYS A 18 -3.14 2.34 -2.43
N GLY A 19 -1.94 2.78 -2.08
CA GLY A 19 -1.78 3.91 -1.19
C GLY A 19 -1.31 3.49 0.20
N MET A 20 -1.05 2.20 0.37
CA MET A 20 -0.60 1.67 1.65
C MET A 20 0.64 2.41 2.13
N ASN A 21 0.60 2.87 3.38
CA ASN A 21 1.73 3.60 3.96
C ASN A 21 2.64 2.65 4.73
N PHE A 22 3.92 3.03 4.83
CA PHE A 22 4.90 2.22 5.54
C PHE A 22 5.98 3.09 6.15
N SER A 23 6.36 2.77 7.39
CA SER A 23 7.39 3.53 8.09
C SER A 23 8.77 3.27 7.50
N TRP A 24 9.10 1.99 7.34
CA TRP A 24 10.39 1.60 6.78
C TRP A 24 10.40 1.76 5.27
N SER A 25 11.54 1.43 4.65
CA SER A 25 11.68 1.56 3.21
C SER A 25 11.43 0.21 2.53
N CYS A 26 12.24 -0.79 2.89
CA CYS A 26 12.10 -2.12 2.31
C CYS A 26 10.70 -2.68 2.54
N SER A 27 10.22 -2.56 3.77
CA SER A 27 8.89 -3.06 4.12
C SER A 27 7.91 -2.84 2.98
N LEU A 28 7.80 -1.60 2.54
CA LEU A 28 6.88 -1.25 1.45
C LEU A 28 7.07 -2.20 0.27
N PHE A 29 8.32 -2.35 -0.17
CA PHE A 29 8.64 -3.23 -1.29
C PHE A 29 7.97 -4.58 -1.12
N LYS A 30 8.07 -5.15 0.08
CA LYS A 30 7.49 -6.45 0.37
C LYS A 30 5.99 -6.46 0.06
N HIS A 31 5.38 -5.28 0.12
CA HIS A 31 3.95 -5.15 -0.17
C HIS A 31 3.72 -4.82 -1.64
N LEU A 32 4.56 -3.94 -2.19
CA LEU A 32 4.44 -3.55 -3.58
C LEU A 32 4.40 -4.78 -4.50
N ARG A 33 5.16 -5.81 -4.13
CA ARG A 33 5.22 -7.03 -4.91
C ARG A 33 3.81 -7.59 -5.16
N SER A 34 2.90 -7.29 -4.23
CA SER A 34 1.53 -7.76 -4.34
C SER A 34 0.88 -7.25 -5.63
N HIS A 35 1.52 -6.27 -6.26
CA HIS A 35 1.02 -5.70 -7.49
C HIS A 35 1.86 -6.14 -8.69
N GLU A 36 3.13 -6.42 -8.44
CA GLU A 36 4.05 -6.85 -9.49
C GLU A 36 3.70 -8.25 -9.97
N ARG A 37 3.22 -9.08 -9.06
CA ARG A 37 2.86 -10.45 -9.39
C ARG A 37 1.40 -10.53 -9.84
N THR A 38 0.49 -10.08 -8.97
CA THR A 38 -0.94 -10.11 -9.27
C THR A 38 -1.44 -8.71 -9.61
N ASP A 39 -2.46 -8.66 -10.46
CA ASP A 39 -3.04 -7.39 -10.88
C ASP A 39 -4.11 -6.93 -9.87
N PRO A 40 -4.06 -5.64 -9.52
CA PRO A 40 -5.01 -5.05 -8.57
C PRO A 40 -6.42 -4.94 -9.15
N SER A 41 -7.42 -5.03 -8.27
CA SER A 41 -8.81 -4.94 -8.69
C SER A 41 -9.62 -4.05 -7.75
N GLY A 42 -10.17 -2.97 -8.29
CA GLY A 42 -10.95 -2.05 -7.49
C GLY A 42 -10.39 -0.64 -7.51
N PRO A 43 -11.10 0.29 -6.85
CA PRO A 43 -10.69 1.69 -6.78
C PRO A 43 -9.44 1.89 -5.91
N SER A 44 -8.71 2.96 -6.18
CA SER A 44 -7.49 3.25 -5.42
C SER A 44 -7.46 4.72 -5.01
N SER A 45 -7.43 4.96 -3.71
CA SER A 45 -7.39 6.32 -3.17
C SER A 45 -6.06 6.99 -3.49
N GLY A 46 -6.13 8.20 -4.04
CA GLY A 46 -4.92 8.94 -4.37
C GLY A 46 -4.10 9.30 -3.15
ZN ZN B . -0.16 -1.45 -2.49
N GLY A 1 -5.06 13.15 -0.30
CA GLY A 1 -4.12 12.39 0.51
C GLY A 1 -4.14 12.82 1.97
N SER A 2 -4.92 12.10 2.78
CA SER A 2 -5.04 12.42 4.20
C SER A 2 -4.04 11.59 5.02
N SER A 3 -2.82 11.48 4.52
CA SER A 3 -1.78 10.71 5.20
C SER A 3 -1.88 10.89 6.71
N GLY A 4 -2.13 12.13 7.14
CA GLY A 4 -2.24 12.41 8.56
C GLY A 4 -2.50 13.88 8.83
N SER A 5 -3.78 14.25 8.94
CA SER A 5 -4.16 15.63 9.20
C SER A 5 -3.49 16.15 10.47
N SER A 6 -3.74 15.48 11.58
CA SER A 6 -3.16 15.88 12.86
C SER A 6 -2.90 14.66 13.74
N GLY A 7 -1.72 14.61 14.33
CA GLY A 7 -1.35 13.50 15.20
C GLY A 7 0.15 13.31 15.31
N THR A 8 0.58 12.05 15.35
CA THR A 8 1.99 11.73 15.46
C THR A 8 2.30 10.36 14.85
N GLY A 9 3.47 10.25 14.24
CA GLY A 9 3.86 8.99 13.62
C GLY A 9 3.49 8.93 12.16
N GLU A 10 3.83 9.97 11.41
CA GLU A 10 3.52 10.03 9.99
C GLU A 10 4.35 9.02 9.21
N LYS A 11 3.83 8.59 8.07
CA LYS A 11 4.52 7.62 7.23
C LYS A 11 5.27 8.31 6.10
N PRO A 12 6.60 8.13 6.07
CA PRO A 12 7.45 8.73 5.03
C PRO A 12 7.23 8.10 3.66
N PHE A 13 7.27 6.77 3.61
CA PHE A 13 7.07 6.05 2.37
C PHE A 13 5.61 5.70 2.16
N GLN A 14 5.22 5.50 0.90
CA GLN A 14 3.84 5.17 0.56
C GLN A 14 3.78 4.28 -0.66
N CYS A 15 2.69 3.53 -0.81
CA CYS A 15 2.51 2.63 -1.93
C CYS A 15 1.87 3.36 -3.11
N LYS A 16 2.57 3.33 -4.25
CA LYS A 16 2.07 3.99 -5.46
C LYS A 16 1.08 3.09 -6.19
N GLU A 17 0.76 1.96 -5.59
CA GLU A 17 -0.19 1.02 -6.18
C GLU A 17 -1.58 1.19 -5.59
N CYS A 18 -1.68 1.02 -4.26
CA CYS A 18 -2.95 1.15 -3.57
C CYS A 18 -2.91 2.34 -2.61
N GLY A 19 -1.72 2.74 -2.21
CA GLY A 19 -1.57 3.87 -1.30
C GLY A 19 -1.05 3.44 0.06
N MET A 20 -1.01 2.13 0.30
CA MET A 20 -0.54 1.59 1.57
C MET A 20 0.74 2.31 2.01
N ASN A 21 0.75 2.74 3.26
CA ASN A 21 1.91 3.45 3.81
C ASN A 21 2.75 2.51 4.67
N PHE A 22 4.02 2.84 4.82
CA PHE A 22 4.95 2.03 5.61
C PHE A 22 6.00 2.89 6.29
N SER A 23 6.39 2.51 7.50
CA SER A 23 7.39 3.25 8.26
C SER A 23 8.81 2.81 7.89
N TRP A 24 8.98 2.46 6.62
CA TRP A 24 10.29 2.02 6.12
C TRP A 24 10.34 2.05 4.61
N SER A 25 11.51 1.77 4.05
CA SER A 25 11.69 1.77 2.60
C SER A 25 11.56 0.36 2.03
N CYS A 26 12.08 -0.61 2.76
CA CYS A 26 12.02 -2.01 2.33
C CYS A 26 10.62 -2.58 2.56
N SER A 27 10.14 -2.49 3.79
CA SER A 27 8.82 -3.01 4.14
C SER A 27 7.84 -2.81 2.99
N LEU A 28 7.68 -1.56 2.56
CA LEU A 28 6.78 -1.23 1.47
C LEU A 28 7.00 -2.17 0.28
N PHE A 29 8.25 -2.31 -0.13
CA PHE A 29 8.59 -3.18 -1.25
C PHE A 29 7.94 -4.55 -1.11
N LYS A 30 8.11 -5.16 0.06
CA LYS A 30 7.53 -6.48 0.32
C LYS A 30 6.04 -6.48 0.04
N HIS A 31 5.43 -5.29 0.07
CA HIS A 31 4.00 -5.17 -0.19
C HIS A 31 3.75 -4.83 -1.65
N LEU A 32 4.58 -3.96 -2.21
CA LEU A 32 4.44 -3.54 -3.60
C LEU A 32 4.38 -4.76 -4.52
N ARG A 33 5.10 -5.82 -4.15
CA ARG A 33 5.12 -7.03 -4.94
C ARG A 33 3.71 -7.53 -5.23
N SER A 34 2.83 -7.40 -4.24
CA SER A 34 1.45 -7.83 -4.39
C SER A 34 0.85 -7.34 -5.71
N HIS A 35 1.48 -6.31 -6.28
CA HIS A 35 1.01 -5.74 -7.54
C HIS A 35 1.88 -6.22 -8.70
N GLU A 36 3.15 -6.48 -8.41
CA GLU A 36 4.08 -6.95 -9.44
C GLU A 36 3.72 -8.36 -9.90
N ARG A 37 3.12 -9.13 -9.01
CA ARG A 37 2.72 -10.50 -9.34
C ARG A 37 1.20 -10.65 -9.30
N THR A 38 0.56 -10.57 -10.45
CA THR A 38 -0.89 -10.70 -10.54
C THR A 38 -1.30 -11.33 -11.87
N ASP A 39 -2.06 -12.41 -11.78
CA ASP A 39 -2.53 -13.12 -12.97
C ASP A 39 -3.53 -12.27 -13.75
N PRO A 40 -4.63 -11.89 -13.09
CA PRO A 40 -5.68 -11.08 -13.69
C PRO A 40 -5.24 -9.64 -13.94
N SER A 41 -6.19 -8.78 -14.28
CA SER A 41 -5.89 -7.38 -14.54
C SER A 41 -6.21 -6.52 -13.33
N GLY A 42 -7.03 -7.06 -12.42
CA GLY A 42 -7.40 -6.32 -11.23
C GLY A 42 -8.90 -6.26 -11.03
N PRO A 43 -9.33 -5.95 -9.80
CA PRO A 43 -10.75 -5.85 -9.46
C PRO A 43 -11.43 -4.64 -10.10
N SER A 44 -12.72 -4.77 -10.37
CA SER A 44 -13.47 -3.68 -10.99
C SER A 44 -13.20 -2.36 -10.29
N SER A 45 -12.71 -1.38 -11.04
CA SER A 45 -12.40 -0.07 -10.49
C SER A 45 -12.06 0.92 -11.60
N GLY A 46 -12.41 2.19 -11.39
CA GLY A 46 -12.13 3.21 -12.38
C GLY A 46 -11.07 4.19 -11.92
ZN ZN B . -0.04 -1.47 -2.48
N GLY A 1 -10.11 13.96 2.38
CA GLY A 1 -9.55 14.01 3.72
C GLY A 1 -9.76 12.71 4.48
N SER A 2 -10.49 12.79 5.59
CA SER A 2 -10.76 11.62 6.41
C SER A 2 -9.52 10.74 6.52
N SER A 3 -8.37 11.36 6.70
CA SER A 3 -7.10 10.64 6.82
C SER A 3 -7.21 9.53 7.86
N GLY A 4 -7.50 9.91 9.10
CA GLY A 4 -7.61 8.94 10.17
C GLY A 4 -7.45 9.56 11.54
N SER A 5 -8.21 9.07 12.50
CA SER A 5 -8.15 9.58 13.87
C SER A 5 -6.89 9.08 14.59
N SER A 6 -6.63 7.78 14.46
CA SER A 6 -5.47 7.18 15.10
C SER A 6 -4.20 7.45 14.29
N GLY A 7 -3.52 8.54 14.63
CA GLY A 7 -2.30 8.90 13.92
C GLY A 7 -1.29 9.58 14.83
N THR A 8 -0.36 8.79 15.37
CA THR A 8 0.67 9.32 16.26
C THR A 8 1.98 9.52 15.52
N GLY A 9 2.12 8.84 14.39
CA GLY A 9 3.34 8.95 13.61
C GLY A 9 3.06 9.09 12.12
N GLU A 10 3.83 9.96 11.45
CA GLU A 10 3.66 10.18 10.02
C GLU A 10 4.38 9.09 9.22
N LYS A 11 3.82 8.77 8.05
CA LYS A 11 4.41 7.76 7.19
C LYS A 11 5.17 8.40 6.04
N PRO A 12 6.50 8.23 6.04
CA PRO A 12 7.38 8.79 5.00
C PRO A 12 7.19 8.09 3.65
N PHE A 13 7.17 6.76 3.68
CA PHE A 13 7.00 5.98 2.46
C PHE A 13 5.52 5.66 2.22
N GLN A 14 5.18 5.46 0.96
CA GLN A 14 3.79 5.15 0.59
C GLN A 14 3.75 4.27 -0.65
N CYS A 15 2.64 3.57 -0.83
CA CYS A 15 2.46 2.69 -1.98
C CYS A 15 1.81 3.43 -3.14
N LYS A 16 2.56 3.61 -4.22
CA LYS A 16 2.06 4.30 -5.41
C LYS A 16 1.09 3.41 -6.18
N GLU A 17 0.84 2.22 -5.65
CA GLU A 17 -0.07 1.27 -6.30
C GLU A 17 -1.48 1.40 -5.72
N CYS A 18 -1.58 1.30 -4.40
CA CYS A 18 -2.86 1.40 -3.72
C CYS A 18 -2.86 2.57 -2.73
N GLY A 19 -1.68 2.99 -2.32
CA GLY A 19 -1.56 4.08 -1.38
C GLY A 19 -1.15 3.62 0.01
N MET A 20 -0.92 2.33 0.16
CA MET A 20 -0.52 1.76 1.44
C MET A 20 0.73 2.47 1.98
N ASN A 21 0.66 2.90 3.23
CA ASN A 21 1.78 3.58 3.86
C ASN A 21 2.63 2.61 4.68
N PHE A 22 3.92 2.90 4.79
CA PHE A 22 4.83 2.05 5.54
C PHE A 22 5.90 2.89 6.25
N SER A 23 6.13 2.58 7.53
CA SER A 23 7.12 3.30 8.31
C SER A 23 8.52 3.08 7.77
N TRP A 24 8.87 1.82 7.53
CA TRP A 24 10.19 1.48 7.01
C TRP A 24 10.26 1.76 5.52
N SER A 25 11.42 1.47 4.92
CA SER A 25 11.63 1.70 3.50
C SER A 25 11.41 0.40 2.71
N CYS A 26 12.19 -0.61 3.03
CA CYS A 26 12.09 -1.91 2.36
C CYS A 26 10.71 -2.53 2.56
N SER A 27 10.24 -2.50 3.81
CA SER A 27 8.94 -3.06 4.14
C SER A 27 7.95 -2.85 3.01
N LEU A 28 7.88 -1.62 2.51
CA LEU A 28 6.97 -1.29 1.42
C LEU A 28 7.16 -2.24 0.25
N PHE A 29 8.40 -2.41 -0.18
CA PHE A 29 8.71 -3.29 -1.30
C PHE A 29 8.01 -4.63 -1.13
N LYS A 30 8.10 -5.20 0.06
CA LYS A 30 7.48 -6.49 0.35
C LYS A 30 5.99 -6.46 0.00
N HIS A 31 5.39 -5.29 0.10
CA HIS A 31 3.97 -5.12 -0.22
C HIS A 31 3.77 -4.79 -1.69
N LEU A 32 4.64 -3.94 -2.23
CA LEU A 32 4.56 -3.53 -3.63
C LEU A 32 4.42 -4.75 -4.53
N ARG A 33 5.16 -5.81 -4.22
CA ARG A 33 5.11 -7.04 -5.01
C ARG A 33 3.66 -7.47 -5.25
N SER A 34 2.82 -7.28 -4.24
CA SER A 34 1.42 -7.66 -4.35
C SER A 34 0.83 -7.22 -5.69
N HIS A 35 1.46 -6.22 -6.30
CA HIS A 35 1.00 -5.70 -7.57
C HIS A 35 1.84 -6.27 -8.72
N GLU A 36 3.09 -6.60 -8.44
CA GLU A 36 3.99 -7.15 -9.45
C GLU A 36 3.54 -8.55 -9.84
N ARG A 37 2.95 -9.28 -8.91
CA ARG A 37 2.48 -10.63 -9.16
C ARG A 37 1.38 -10.64 -10.20
N THR A 38 1.15 -11.80 -10.81
CA THR A 38 0.12 -11.94 -11.84
C THR A 38 -1.06 -11.03 -11.55
N ASP A 39 -1.45 -10.24 -12.55
CA ASP A 39 -2.57 -9.31 -12.41
C ASP A 39 -3.90 -10.07 -12.41
N PRO A 40 -4.85 -9.61 -11.59
CA PRO A 40 -6.17 -10.22 -11.49
C PRO A 40 -7.01 -10.01 -12.75
N SER A 41 -7.95 -10.93 -12.99
CA SER A 41 -8.81 -10.85 -14.16
C SER A 41 -10.19 -10.32 -13.78
N GLY A 42 -10.21 -9.28 -12.96
CA GLY A 42 -11.47 -8.69 -12.53
C GLY A 42 -11.62 -7.26 -12.98
N PRO A 43 -12.77 -6.66 -12.68
CA PRO A 43 -13.07 -5.28 -13.05
C PRO A 43 -12.24 -4.27 -12.27
N SER A 44 -11.75 -3.24 -12.96
CA SER A 44 -10.93 -2.22 -12.32
C SER A 44 -11.75 -1.39 -11.34
N SER A 45 -11.54 -1.65 -10.05
CA SER A 45 -12.26 -0.93 -9.00
C SER A 45 -11.31 -0.47 -7.90
N GLY A 46 -11.12 0.84 -7.80
CA GLY A 46 -10.23 1.38 -6.79
C GLY A 46 -9.33 2.47 -7.34
ZN ZN B . 0.00 -1.35 -2.61
N GLY A 1 -8.73 25.54 -0.95
CA GLY A 1 -10.02 25.87 -0.36
C GLY A 1 -10.24 25.21 0.98
N SER A 2 -11.05 24.15 0.99
CA SER A 2 -11.34 23.43 2.23
C SER A 2 -10.82 22.01 2.16
N SER A 3 -10.92 21.29 3.27
CA SER A 3 -10.45 19.91 3.35
C SER A 3 -11.51 19.01 3.96
N GLY A 4 -12.10 19.46 5.06
CA GLY A 4 -13.12 18.68 5.74
C GLY A 4 -13.36 19.14 7.16
N SER A 5 -13.27 18.21 8.11
CA SER A 5 -13.46 18.51 9.52
C SER A 5 -12.27 18.07 10.35
N SER A 6 -11.89 16.81 10.20
CA SER A 6 -10.77 16.26 10.94
C SER A 6 -9.93 15.33 10.06
N GLY A 7 -8.62 15.55 10.06
CA GLY A 7 -7.73 14.74 9.25
C GLY A 7 -6.28 14.95 9.59
N THR A 8 -5.54 13.85 9.77
CA THR A 8 -4.12 13.93 10.11
C THR A 8 -3.44 12.58 9.89
N GLY A 9 -2.15 12.63 9.55
CA GLY A 9 -1.40 11.40 9.31
C GLY A 9 -0.18 11.64 8.45
N GLU A 10 1.00 11.38 9.01
CA GLU A 10 2.25 11.56 8.29
C GLU A 10 2.99 10.23 8.14
N LYS A 11 3.34 9.89 6.90
CA LYS A 11 4.05 8.65 6.63
C LYS A 11 5.28 8.91 5.76
N PRO A 12 6.38 8.20 6.05
CA PRO A 12 7.63 8.33 5.32
C PRO A 12 7.54 7.78 3.90
N PHE A 13 7.05 6.54 3.79
CA PHE A 13 6.90 5.89 2.49
C PHE A 13 5.44 5.59 2.19
N GLN A 14 5.11 5.52 0.91
CA GLN A 14 3.73 5.24 0.49
C GLN A 14 3.72 4.36 -0.75
N CYS A 15 2.62 3.60 -0.91
CA CYS A 15 2.48 2.71 -2.06
C CYS A 15 1.82 3.43 -3.23
N LYS A 16 2.59 3.63 -4.31
CA LYS A 16 2.07 4.30 -5.50
C LYS A 16 1.09 3.41 -6.24
N GLU A 17 0.84 2.23 -5.70
CA GLU A 17 -0.09 1.28 -6.31
C GLU A 17 -1.48 1.41 -5.71
N CYS A 18 -1.54 1.42 -4.37
CA CYS A 18 -2.82 1.53 -3.67
C CYS A 18 -2.79 2.72 -2.69
N GLY A 19 -1.58 3.12 -2.30
CA GLY A 19 -1.45 4.23 -1.38
C GLY A 19 -1.07 3.78 0.02
N MET A 20 -0.79 2.49 0.17
CA MET A 20 -0.43 1.93 1.46
C MET A 20 0.84 2.60 2.00
N ASN A 21 0.78 3.01 3.26
CA ASN A 21 1.91 3.68 3.90
C ASN A 21 2.72 2.69 4.74
N PHE A 22 4.04 2.87 4.77
CA PHE A 22 4.92 2.00 5.53
C PHE A 22 5.99 2.80 6.25
N SER A 23 6.25 2.45 7.50
CA SER A 23 7.25 3.14 8.30
C SER A 23 8.65 2.87 7.77
N TRP A 24 8.91 1.61 7.41
CA TRP A 24 10.20 1.22 6.89
C TRP A 24 10.26 1.39 5.37
N SER A 25 11.47 1.47 4.83
CA SER A 25 11.66 1.64 3.39
C SER A 25 11.43 0.32 2.65
N CYS A 26 12.15 -0.71 3.04
CA CYS A 26 12.02 -2.02 2.41
C CYS A 26 10.61 -2.58 2.63
N SER A 27 10.12 -2.51 3.86
CA SER A 27 8.80 -3.01 4.19
C SER A 27 7.84 -2.80 3.03
N LEU A 28 7.80 -1.58 2.51
CA LEU A 28 6.93 -1.25 1.39
C LEU A 28 7.15 -2.20 0.22
N PHE A 29 8.40 -2.34 -0.20
CA PHE A 29 8.75 -3.22 -1.30
C PHE A 29 8.07 -4.58 -1.15
N LYS A 30 8.16 -5.14 0.06
CA LYS A 30 7.56 -6.43 0.34
C LYS A 30 6.08 -6.44 -0.02
N HIS A 31 5.45 -5.27 0.06
CA HIS A 31 4.03 -5.14 -0.25
C HIS A 31 3.83 -4.82 -1.73
N LEU A 32 4.69 -3.96 -2.26
CA LEU A 32 4.60 -3.57 -3.66
C LEU A 32 4.46 -4.80 -4.56
N ARG A 33 5.19 -5.86 -4.24
CA ARG A 33 5.14 -7.09 -5.02
C ARG A 33 3.69 -7.53 -5.23
N SER A 34 2.86 -7.29 -4.23
CA SER A 34 1.44 -7.67 -4.31
C SER A 34 0.83 -7.20 -5.63
N HIS A 35 1.48 -6.23 -6.27
CA HIS A 35 1.00 -5.69 -7.52
C HIS A 35 1.79 -6.26 -8.70
N GLU A 36 3.05 -6.58 -8.45
CA GLU A 36 3.91 -7.14 -9.49
C GLU A 36 3.48 -8.55 -9.87
N ARG A 37 2.75 -9.20 -8.96
CA ARG A 37 2.28 -10.55 -9.20
C ARG A 37 0.80 -10.55 -9.58
N THR A 38 0.40 -11.55 -10.36
CA THR A 38 -0.99 -11.66 -10.80
C THR A 38 -1.59 -13.00 -10.37
N ASP A 39 -2.86 -12.97 -9.99
CA ASP A 39 -3.56 -14.17 -9.56
C ASP A 39 -4.01 -14.99 -10.76
N PRO A 40 -3.87 -16.33 -10.64
CA PRO A 40 -4.26 -17.26 -11.72
C PRO A 40 -5.77 -17.33 -11.90
N SER A 41 -6.51 -16.78 -10.93
CA SER A 41 -7.96 -16.78 -10.99
C SER A 41 -8.46 -16.37 -12.37
N GLY A 42 -9.33 -17.19 -12.95
CA GLY A 42 -9.87 -16.89 -14.27
C GLY A 42 -9.57 -17.99 -15.28
N PRO A 43 -10.46 -18.12 -16.28
CA PRO A 43 -10.31 -19.14 -17.32
C PRO A 43 -9.15 -18.83 -18.26
N SER A 44 -9.10 -17.60 -18.76
CA SER A 44 -8.04 -17.17 -19.66
C SER A 44 -7.06 -16.24 -18.96
N SER A 45 -5.79 -16.37 -19.30
CA SER A 45 -4.75 -15.54 -18.70
C SER A 45 -4.08 -14.66 -19.76
N GLY A 46 -4.00 -13.36 -19.48
CA GLY A 46 -3.38 -12.44 -20.42
C GLY A 46 -3.38 -11.01 -19.91
ZN ZN B . 0.05 -1.26 -2.64
#